data_9GH7
#
_entry.id   9GH7
#
_cell.length_a   94.955
_cell.length_b   94.955
_cell.length_c   225.997
_cell.angle_alpha   90.000
_cell.angle_beta   90.000
_cell.angle_gamma   90.000
#
_symmetry.space_group_name_H-M   'P 41 21 2'
#
loop_
_entity.id
_entity.type
_entity.pdbx_description
1 polymer 'Transferrin receptor protein 1'
2 polymer 'Bicyclic peptide'
3 branched 2-acetamido-2-deoxy-beta-D-glucopyranose-(1-4)-2-acetamido-2-deoxy-beta-D-glucopyranose
4 non-polymer 'CALCIUM ION'
5 non-polymer GLYCEROL
6 non-polymer 1-(3,5-diethanoyl-1,3,5-triazinan-1-yl)ethanone
7 water water
#
loop_
_entity_poly.entity_id
_entity_poly.type
_entity_poly.pdbx_seq_one_letter_code
_entity_poly.pdbx_strand_id
1 'polypeptide(L)'
;HHHHHHCKGVEPKTECERLAGTESPVREEPGEDFPAARRLYWDDLKRKLSEKLDSTDFTGTIKLLNENSYVPREAGSQKD
ENLALYVENQFREFKLSKVWRDQHFVKIQVKDSAQNSVIIVDKNGRLVYLVENPGGYVAYSKAATVTGKLVHANFGTKKD
FEDLYTPVNGSIVIVRAGKITFAEKVANAESLNAIGVLIYMDQTKFPIVNAELSFFGHAHLGTGDPYTPGFPSFNHTQFP
PSRSSGLPNIPVQTISRAAAEKLFGNMEGDCPSDWKTDSTCRMVTSESKNVKLTVSNVLKEIKILNIFGVIKGFVEPDHY
VVVGAQRDAWGPGAAKSGVGTALLLKLAQMFSDMVLKDGFQPSRSIIFASWSAGDFGSVGATEWLEGYLSSLHLKAFTYI
NLDKAVLGTSNFKVSASPLLYTLIEKTMQNVKHPVTGQFLYQDSNWASKVEKLTLDNAAFPFLAYSGIPAVSFCFCEDTD
YPYLGTTMDTYKELIERIPELNKVARAAAEVAGQFVIKLTHDVELNLDYERYNSQLLSFVRDLNQYRADIKEMGLSLQWL
YSARGDFFRATSRLTTDFGNAEKTDRFVMKKLNDRVMRVEYHFLSPYVSPKESPFRHVFWGSGSHTLPALLENLKLRKQN
NGAFNETLFRNQLALATWTIQGAANALSGDVWDIDNEF
;
A
2 'polypeptide(L)' ACPPDAHLGCISWCA P
#
# COMPACT_ATOMS: atom_id res chain seq x y z
N LEU A 40 -12.33 8.65 32.35
CA LEU A 40 -10.90 8.25 32.43
C LEU A 40 -10.10 9.21 31.55
N TYR A 41 -8.84 9.39 31.92
CA TYR A 41 -7.93 10.30 31.26
C TYR A 41 -6.93 9.47 30.47
N TRP A 42 -6.17 10.18 29.64
CA TRP A 42 -5.17 9.60 28.77
C TRP A 42 -4.26 8.68 29.55
N ASP A 43 -3.83 9.13 30.72
CA ASP A 43 -2.87 8.38 31.51
C ASP A 43 -3.48 7.04 31.94
N ASP A 44 -4.77 7.08 32.30
CA ASP A 44 -5.47 5.90 32.77
C ASP A 44 -5.50 4.86 31.64
N LEU A 45 -5.80 5.35 30.43
CA LEU A 45 -6.07 4.51 29.27
C LEU A 45 -4.77 3.91 28.74
N LYS A 46 -3.72 4.73 28.76
CA LYS A 46 -2.38 4.28 28.40
C LYS A 46 -1.95 3.08 29.27
N ARG A 47 -2.20 3.15 30.59
CA ARG A 47 -1.75 2.13 31.52
C ARG A 47 -2.53 0.83 31.33
N LYS A 48 -3.87 0.93 31.20
CA LYS A 48 -4.73 -0.21 30.98
C LYS A 48 -4.32 -0.93 29.69
N LEU A 49 -3.97 -0.15 28.67
CA LEU A 49 -3.54 -0.75 27.43
C LEU A 49 -2.23 -1.49 27.69
N SER A 50 -1.25 -0.76 28.23
CA SER A 50 0.02 -1.35 28.62
C SER A 50 -0.20 -2.70 29.32
N GLU A 51 -1.15 -2.75 30.26
CA GLU A 51 -1.46 -3.98 30.99
C GLU A 51 -1.88 -5.08 30.03
N LYS A 52 -3.05 -4.90 29.38
CA LYS A 52 -3.52 -5.87 28.40
C LYS A 52 -2.34 -6.33 27.53
N LEU A 53 -1.57 -5.39 27.00
CA LEU A 53 -0.45 -5.73 26.14
C LEU A 53 0.49 -6.72 26.83
N ASP A 54 0.82 -6.42 28.09
CA ASP A 54 1.80 -7.18 28.85
C ASP A 54 1.36 -8.64 28.96
N SER A 55 0.04 -8.87 29.03
CA SER A 55 -0.47 -10.22 29.20
C SER A 55 -0.83 -10.89 27.87
N THR A 56 -0.97 -10.17 26.75
CA THR A 56 -1.48 -10.82 25.54
C THR A 56 -0.33 -11.58 24.87
N ASP A 57 -0.68 -12.67 24.19
CA ASP A 57 0.30 -13.60 23.67
C ASP A 57 0.35 -13.49 22.16
N PHE A 58 1.39 -12.82 21.66
CA PHE A 58 1.40 -12.46 20.25
C PHE A 58 1.88 -13.65 19.43
N THR A 59 3.08 -14.16 19.74
CA THR A 59 3.67 -15.28 19.00
C THR A 59 2.71 -16.47 18.95
N GLY A 60 1.96 -16.71 20.04
CA GLY A 60 1.01 -17.81 20.04
C GLY A 60 -0.08 -17.63 19.00
N THR A 61 -0.53 -16.38 18.82
CA THR A 61 -1.54 -16.05 17.83
C THR A 61 -0.97 -16.23 16.43
N ILE A 62 0.29 -15.81 16.25
CA ILE A 62 0.92 -15.94 14.94
C ILE A 62 1.16 -17.41 14.64
N LYS A 63 1.64 -18.17 15.65
CA LYS A 63 1.88 -19.61 15.48
C LYS A 63 0.54 -20.23 15.06
N LEU A 64 -0.54 -19.85 15.74
CA LEU A 64 -1.83 -20.46 15.44
C LEU A 64 -2.25 -20.16 14.00
N LEU A 65 -1.93 -18.96 13.48
CA LEU A 65 -2.37 -18.62 12.14
C LEU A 65 -1.52 -19.33 11.09
N ASN A 66 -0.38 -19.90 11.50
CA ASN A 66 0.46 -20.70 10.61
C ASN A 66 0.10 -22.19 10.63
N GLU A 67 -0.97 -22.62 11.31
CA GLU A 67 -1.39 -24.03 11.31
C GLU A 67 -1.91 -24.44 9.93
N ASN A 68 -2.02 -25.75 9.73
CA ASN A 68 -2.25 -26.32 8.41
C ASN A 68 -3.59 -25.92 7.81
N SER A 69 -4.59 -25.66 8.64
CA SER A 69 -5.92 -25.33 8.15
C SER A 69 -5.92 -23.97 7.44
N TYR A 70 -4.88 -23.15 7.70
CA TYR A 70 -4.84 -21.76 7.24
C TYR A 70 -3.73 -21.56 6.22
N VAL A 71 -3.08 -22.65 5.77
CA VAL A 71 -1.87 -22.51 5.00
C VAL A 71 -1.75 -23.49 3.83
N PRO A 72 -1.43 -23.01 2.60
CA PRO A 72 -1.40 -21.59 2.30
C PRO A 72 -2.83 -21.05 2.27
N ARG A 73 -3.01 -19.76 1.94
CA ARG A 73 -4.35 -19.19 1.96
C ARG A 73 -4.47 -18.11 0.91
N GLU A 74 -4.24 -18.50 -0.34
CA GLU A 74 -4.56 -17.65 -1.47
C GLU A 74 -6.04 -17.21 -1.41
N ALA A 75 -6.24 -15.93 -1.69
CA ALA A 75 -7.54 -15.29 -1.58
C ALA A 75 -8.62 -16.10 -2.24
N GLY A 76 -9.67 -16.39 -1.48
CA GLY A 76 -10.86 -17.05 -1.99
C GLY A 76 -10.70 -18.58 -1.95
N SER A 77 -9.58 -19.08 -1.43
CA SER A 77 -9.38 -20.51 -1.31
C SER A 77 -10.08 -21.04 -0.06
N GLN A 78 -10.33 -22.35 -0.06
CA GLN A 78 -10.87 -23.01 1.10
C GLN A 78 -10.16 -22.52 2.36
N LYS A 79 -8.83 -22.40 2.35
CA LYS A 79 -8.14 -22.10 3.58
C LYS A 79 -8.32 -20.62 3.94
N ASP A 80 -8.43 -19.76 2.95
CA ASP A 80 -8.74 -18.37 3.22
C ASP A 80 -10.10 -18.35 3.92
N GLU A 81 -11.07 -19.09 3.38
CA GLU A 81 -12.41 -19.10 3.93
C GLU A 81 -12.39 -19.60 5.38
N ASN A 82 -11.54 -20.60 5.64
CA ASN A 82 -11.43 -21.19 6.97
C ASN A 82 -10.94 -20.14 7.96
N LEU A 83 -9.98 -19.33 7.51
CA LEU A 83 -9.41 -18.37 8.42
C LEU A 83 -10.41 -17.22 8.61
N ALA A 84 -11.22 -16.99 7.59
CA ALA A 84 -12.23 -15.96 7.67
C ALA A 84 -13.25 -16.30 8.75
N LEU A 85 -13.66 -17.58 8.77
CA LEU A 85 -14.62 -18.08 9.74
C LEU A 85 -14.02 -18.04 11.14
N TYR A 86 -12.76 -18.45 11.29
CA TYR A 86 -12.10 -18.33 12.56
C TYR A 86 -12.18 -16.88 13.08
N VAL A 87 -11.72 -15.93 12.25
CA VAL A 87 -11.63 -14.54 12.66
C VAL A 87 -13.01 -14.00 13.05
N GLU A 88 -14.01 -14.29 12.23
CA GLU A 88 -15.37 -13.87 12.48
C GLU A 88 -15.86 -14.42 13.83
N ASN A 89 -15.59 -15.71 14.05
CA ASN A 89 -16.00 -16.35 15.29
C ASN A 89 -15.23 -15.75 16.47
N GLN A 90 -13.95 -15.42 16.31
CA GLN A 90 -13.24 -14.79 17.41
C GLN A 90 -13.92 -13.46 17.75
N PHE A 91 -14.26 -12.67 16.71
CA PHE A 91 -14.83 -11.35 16.93
C PHE A 91 -16.10 -11.49 17.77
N ARG A 92 -16.87 -12.56 17.51
CA ARG A 92 -18.10 -12.79 18.24
C ARG A 92 -17.79 -13.08 19.70
N GLU A 93 -16.81 -13.97 19.91
CA GLU A 93 -16.38 -14.29 21.25
C GLU A 93 -15.95 -13.05 22.01
N PHE A 94 -15.34 -12.08 21.33
CA PHE A 94 -14.92 -10.86 22.02
C PHE A 94 -16.12 -9.99 22.39
N LYS A 95 -17.31 -10.30 21.85
CA LYS A 95 -18.53 -9.58 22.21
C LYS A 95 -18.44 -8.12 21.74
N LEU A 96 -18.12 -7.94 20.45
CA LEU A 96 -18.01 -6.60 19.91
C LEU A 96 -19.44 -6.14 19.68
N SER A 97 -19.62 -4.83 19.51
CA SER A 97 -20.96 -4.32 19.36
C SER A 97 -21.63 -5.05 18.20
N LYS A 98 -20.89 -5.29 17.10
CA LYS A 98 -21.49 -5.93 15.95
C LYS A 98 -20.44 -6.59 15.08
N VAL A 99 -20.77 -7.80 14.60
CA VAL A 99 -19.91 -8.58 13.74
C VAL A 99 -20.65 -8.88 12.44
N TRP A 100 -19.99 -8.67 11.30
CA TRP A 100 -20.63 -8.84 10.01
C TRP A 100 -19.58 -9.11 8.95
N ARG A 101 -20.06 -9.41 7.74
CA ARG A 101 -19.20 -9.84 6.65
C ARG A 101 -19.72 -9.26 5.33
N ASP A 102 -18.79 -8.97 4.39
CA ASP A 102 -19.15 -8.67 3.01
C ASP A 102 -18.59 -9.74 2.08
N GLN A 103 -19.35 -10.01 1.03
CA GLN A 103 -18.96 -10.99 0.03
C GLN A 103 -18.85 -10.30 -1.31
N HIS A 104 -17.70 -10.45 -1.97
CA HIS A 104 -17.50 -9.92 -3.31
C HIS A 104 -17.16 -11.07 -4.25
N PHE A 105 -17.61 -11.00 -5.50
CA PHE A 105 -17.09 -11.86 -6.55
C PHE A 105 -16.17 -11.03 -7.43
N VAL A 106 -14.88 -11.40 -7.45
CA VAL A 106 -13.89 -10.66 -8.22
C VAL A 106 -13.20 -11.57 -9.23
N LYS A 107 -12.70 -10.96 -10.31
CA LYS A 107 -11.99 -11.68 -11.34
C LYS A 107 -10.48 -11.62 -11.12
N ILE A 108 -9.87 -12.80 -11.05
CA ILE A 108 -8.43 -12.95 -10.86
C ILE A 108 -7.86 -13.88 -11.93
N GLN A 109 -6.78 -13.46 -12.58
CA GLN A 109 -6.08 -14.28 -13.56
C GLN A 109 -5.00 -15.07 -12.83
N VAL A 110 -5.16 -16.40 -12.83
CA VAL A 110 -4.29 -17.25 -12.04
C VAL A 110 -3.66 -18.30 -12.94
N LYS A 111 -2.53 -18.81 -12.47
CA LYS A 111 -1.83 -19.90 -13.11
C LYS A 111 -2.79 -21.05 -13.37
N ASP A 112 -2.73 -21.62 -14.57
CA ASP A 112 -3.53 -22.78 -14.94
C ASP A 112 -2.61 -23.98 -15.18
N SER A 113 -3.18 -25.02 -15.79
CA SER A 113 -2.53 -26.32 -15.88
C SER A 113 -1.43 -26.33 -16.94
N ALA A 114 -1.38 -25.29 -17.79
CA ALA A 114 -0.49 -25.32 -18.93
C ALA A 114 0.92 -24.89 -18.52
N GLN A 115 1.84 -24.93 -19.46
CA GLN A 115 3.24 -24.70 -19.16
C GLN A 115 3.48 -23.20 -18.98
N ASN A 116 4.09 -22.89 -17.83
CA ASN A 116 4.76 -21.63 -17.62
C ASN A 116 6.23 -22.00 -17.74
N SER A 117 6.92 -21.43 -18.74
CA SER A 117 8.31 -21.80 -18.94
C SER A 117 9.15 -20.66 -19.50
N VAL A 118 10.45 -20.73 -19.19
CA VAL A 118 11.43 -19.92 -19.89
C VAL A 118 12.48 -20.89 -20.44
N ILE A 119 12.73 -20.79 -21.74
CA ILE A 119 13.75 -21.63 -22.36
C ILE A 119 14.67 -20.74 -23.19
N ILE A 120 15.92 -21.18 -23.32
CA ILE A 120 16.87 -20.56 -24.23
C ILE A 120 16.75 -21.27 -25.57
N VAL A 121 16.81 -20.46 -26.63
CA VAL A 121 16.48 -20.83 -27.99
C VAL A 121 17.54 -20.24 -28.93
N ASP A 122 18.10 -21.06 -29.84
CA ASP A 122 19.09 -20.55 -30.78
C ASP A 122 18.38 -19.56 -31.70
N LYS A 123 19.12 -18.91 -32.61
CA LYS A 123 18.52 -17.85 -33.41
C LYS A 123 17.49 -18.41 -34.40
N ASN A 124 17.25 -19.73 -34.41
CA ASN A 124 16.26 -20.33 -35.32
C ASN A 124 14.97 -20.76 -34.61
N GLY A 125 14.97 -20.78 -33.28
CA GLY A 125 13.83 -21.26 -32.51
C GLY A 125 14.09 -22.63 -31.90
N ARG A 126 15.17 -23.32 -32.32
CA ARG A 126 15.51 -24.64 -31.79
C ARG A 126 15.84 -24.51 -30.30
N LEU A 127 15.22 -25.36 -29.47
CA LEU A 127 15.57 -25.46 -28.05
C LEU A 127 17.09 -25.55 -27.93
N VAL A 128 17.63 -24.85 -26.92
CA VAL A 128 19.02 -24.96 -26.51
C VAL A 128 19.05 -25.55 -25.10
N TYR A 129 18.07 -25.11 -24.28
CA TYR A 129 18.07 -25.40 -22.86
C TYR A 129 16.75 -24.91 -22.28
N LEU A 130 15.99 -25.80 -21.62
CA LEU A 130 14.97 -25.36 -20.70
C LEU A 130 15.71 -24.78 -19.49
N VAL A 131 15.28 -23.58 -19.06
CA VAL A 131 15.84 -22.93 -17.88
C VAL A 131 15.01 -23.32 -16.64
N GLU A 132 13.68 -23.11 -16.68
CA GLU A 132 12.82 -23.30 -15.52
C GLU A 132 11.36 -23.41 -15.96
N ASN A 133 10.62 -24.30 -15.27
CA ASN A 133 9.19 -24.24 -15.13
C ASN A 133 8.89 -23.64 -13.75
N PRO A 134 8.69 -22.31 -13.61
CA PRO A 134 8.60 -21.73 -12.27
C PRO A 134 7.36 -22.18 -11.50
N GLY A 135 7.53 -22.34 -10.19
CA GLY A 135 6.46 -22.71 -9.28
C GLY A 135 5.47 -21.56 -9.11
N GLY A 136 5.97 -20.33 -8.97
CA GLY A 136 5.15 -19.17 -8.68
C GLY A 136 4.66 -18.54 -9.96
N TYR A 137 3.90 -17.43 -9.87
CA TYR A 137 3.38 -16.73 -11.03
C TYR A 137 3.15 -15.26 -10.68
N VAL A 138 2.79 -14.45 -11.69
CA VAL A 138 2.45 -13.05 -11.53
C VAL A 138 1.01 -12.87 -12.00
N ALA A 139 0.10 -12.58 -11.06
CA ALA A 139 -1.31 -12.49 -11.41
C ALA A 139 -1.53 -11.29 -12.34
N TYR A 140 -2.47 -11.42 -13.26
CA TYR A 140 -2.86 -10.37 -14.18
C TYR A 140 -1.81 -10.18 -15.30
N SER A 141 -0.79 -11.04 -15.35
CA SER A 141 0.04 -11.16 -16.53
C SER A 141 -0.82 -11.50 -17.73
N LYS A 142 -0.41 -10.96 -18.89
CA LYS A 142 -0.86 -11.41 -20.19
C LYS A 142 -0.52 -12.89 -20.34
N ALA A 143 -1.46 -13.68 -20.86
CA ALA A 143 -1.15 -15.02 -21.32
C ALA A 143 -0.59 -14.93 -22.74
N ALA A 144 0.66 -15.37 -22.93
CA ALA A 144 1.30 -15.22 -24.23
C ALA A 144 2.63 -15.97 -24.21
N THR A 145 3.15 -16.18 -25.42
CA THR A 145 4.46 -16.76 -25.63
C THR A 145 5.20 -15.79 -26.52
N VAL A 146 6.41 -15.38 -26.09
CA VAL A 146 7.19 -14.34 -26.74
C VAL A 146 8.66 -14.77 -26.74
N THR A 147 9.38 -14.37 -27.79
CA THR A 147 10.78 -14.72 -27.98
C THR A 147 11.56 -13.48 -28.40
N GLY A 148 12.77 -13.34 -27.88
CA GLY A 148 13.54 -12.13 -28.07
C GLY A 148 14.83 -12.19 -27.26
N LYS A 149 15.64 -11.14 -27.44
CA LYS A 149 16.83 -10.94 -26.60
C LYS A 149 16.40 -10.72 -25.14
N LEU A 150 17.31 -11.01 -24.21
CA LEU A 150 17.11 -10.69 -22.81
C LEU A 150 18.01 -9.52 -22.39
N VAL A 151 17.40 -8.46 -21.86
CA VAL A 151 18.12 -7.25 -21.47
C VAL A 151 17.82 -6.96 -20.00
N HIS A 152 18.89 -6.83 -19.18
CA HIS A 152 18.75 -6.50 -17.76
C HIS A 152 18.45 -5.00 -17.60
N ALA A 153 17.50 -4.68 -16.69
CA ALA A 153 17.11 -3.29 -16.42
C ALA A 153 17.11 -2.99 -14.93
N ASN A 154 17.96 -3.69 -14.17
CA ASN A 154 18.09 -3.53 -12.73
C ASN A 154 16.74 -3.76 -12.03
N PHE A 155 16.15 -2.72 -11.43
CA PHE A 155 14.88 -2.82 -10.71
C PHE A 155 13.72 -2.44 -11.63
N GLY A 156 14.03 -1.92 -12.82
CA GLY A 156 13.01 -1.49 -13.77
C GLY A 156 12.35 -0.15 -13.43
N THR A 157 13.02 0.72 -12.64
CA THR A 157 12.58 2.10 -12.47
C THR A 157 12.70 2.85 -13.80
N LYS A 158 12.00 3.99 -13.90
CA LYS A 158 12.02 4.82 -15.10
C LYS A 158 13.48 5.22 -15.36
N LYS A 159 14.22 5.52 -14.29
CA LYS A 159 15.58 6.00 -14.40
C LYS A 159 16.49 4.83 -14.76
N ASP A 160 16.20 3.64 -14.25
CA ASP A 160 16.92 2.45 -14.68
C ASP A 160 16.81 2.33 -16.20
N PHE A 161 15.59 2.43 -16.70
CA PHE A 161 15.37 2.40 -18.13
C PHE A 161 16.07 3.58 -18.82
N GLU A 162 16.01 4.79 -18.25
CA GLU A 162 16.65 5.92 -18.91
C GLU A 162 18.13 5.63 -19.13
N ASP A 163 18.79 5.08 -18.10
CA ASP A 163 20.24 4.99 -18.05
C ASP A 163 20.80 3.77 -18.78
N LEU A 164 19.95 2.95 -19.41
CA LEU A 164 20.46 1.77 -20.10
C LEU A 164 21.10 2.17 -21.41
N TYR A 165 22.17 1.46 -21.77
CA TYR A 165 22.80 1.65 -23.06
C TYR A 165 22.08 0.74 -24.05
N THR A 166 21.71 -0.48 -23.61
CA THR A 166 21.02 -1.43 -24.47
C THR A 166 19.57 -0.96 -24.65
N PRO A 167 19.05 -0.85 -25.88
CA PRO A 167 17.63 -0.57 -26.07
C PRO A 167 16.75 -1.79 -25.83
N VAL A 168 15.54 -1.56 -25.31
CA VAL A 168 14.67 -2.65 -24.88
C VAL A 168 13.52 -2.83 -25.87
N ASN A 169 13.27 -1.84 -26.73
CA ASN A 169 12.32 -1.98 -27.81
C ASN A 169 12.43 -3.41 -28.35
N GLY A 170 11.33 -4.17 -28.29
CA GLY A 170 11.22 -5.49 -28.92
C GLY A 170 11.96 -6.63 -28.21
N SER A 171 12.60 -6.38 -27.06
CA SER A 171 13.25 -7.48 -26.37
C SER A 171 12.59 -7.77 -25.00
N ILE A 172 12.97 -8.90 -24.40
CA ILE A 172 12.47 -9.30 -23.09
C ILE A 172 13.39 -8.67 -22.06
N VAL A 173 12.79 -8.28 -20.92
CA VAL A 173 13.53 -7.62 -19.84
C VAL A 173 13.60 -8.54 -18.63
N ILE A 174 14.75 -8.52 -17.95
CA ILE A 174 14.86 -9.16 -16.66
C ILE A 174 15.14 -8.06 -15.65
N VAL A 175 14.45 -8.14 -14.50
CA VAL A 175 14.59 -7.16 -13.45
C VAL A 175 14.60 -7.89 -12.13
N ARG A 176 15.28 -7.29 -11.19
CA ARG A 176 15.30 -7.75 -9.82
C ARG A 176 14.06 -7.19 -9.11
N ALA A 177 13.53 -8.01 -8.21
CA ALA A 177 12.51 -7.61 -7.25
C ALA A 177 13.05 -6.47 -6.39
N GLY A 178 12.18 -5.53 -6.04
CA GLY A 178 12.49 -4.56 -5.01
C GLY A 178 12.23 -3.14 -5.51
N LYS A 179 12.24 -2.19 -4.57
CA LYS A 179 12.20 -0.76 -4.85
C LYS A 179 10.83 -0.28 -5.27
N ILE A 180 10.26 -0.83 -6.37
CA ILE A 180 8.92 -0.49 -6.83
C ILE A 180 8.13 -1.79 -6.99
N THR A 181 6.82 -1.67 -7.31
CA THR A 181 5.95 -2.83 -7.45
C THR A 181 6.21 -3.54 -8.77
N PHE A 182 5.80 -4.81 -8.81
CA PHE A 182 5.86 -5.57 -10.05
C PHE A 182 5.09 -4.81 -11.10
N ALA A 183 3.90 -4.33 -10.73
CA ALA A 183 3.07 -3.68 -11.71
C ALA A 183 3.80 -2.52 -12.40
N GLU A 184 4.57 -1.75 -11.64
CA GLU A 184 5.26 -0.57 -12.17
C GLU A 184 6.41 -0.97 -13.08
N LYS A 185 7.23 -1.93 -12.61
CA LYS A 185 8.24 -2.59 -13.43
C LYS A 185 7.68 -2.93 -14.81
N VAL A 186 6.53 -3.58 -14.84
CA VAL A 186 5.99 -4.04 -16.10
C VAL A 186 5.51 -2.84 -16.92
N ALA A 187 4.93 -1.85 -16.26
CA ALA A 187 4.34 -0.76 -17.01
C ALA A 187 5.43 0.06 -17.70
N ASN A 188 6.48 0.37 -16.93
CA ASN A 188 7.69 1.01 -17.39
C ASN A 188 8.27 0.26 -18.59
N ALA A 189 8.41 -1.06 -18.48
CA ALA A 189 8.97 -1.84 -19.57
C ALA A 189 8.06 -1.75 -20.79
N GLU A 190 6.77 -1.98 -20.58
CA GLU A 190 5.83 -1.95 -21.69
C GLU A 190 5.84 -0.61 -22.40
N SER A 191 6.09 0.49 -21.67
CA SER A 191 6.04 1.83 -22.26
C SER A 191 7.24 2.06 -23.19
N LEU A 192 8.35 1.36 -22.94
CA LEU A 192 9.50 1.32 -23.83
C LEU A 192 9.44 0.14 -24.82
N ASN A 193 8.22 -0.35 -25.12
CA ASN A 193 7.96 -1.44 -26.08
C ASN A 193 8.72 -2.74 -25.82
N ALA A 194 9.04 -3.06 -24.55
CA ALA A 194 9.49 -4.40 -24.19
C ALA A 194 8.36 -5.39 -24.45
N ILE A 195 8.70 -6.69 -24.57
CA ILE A 195 7.75 -7.71 -25.03
C ILE A 195 7.41 -8.70 -23.92
N GLY A 196 8.25 -8.77 -22.87
CA GLY A 196 7.93 -9.53 -21.67
C GLY A 196 8.91 -9.21 -20.55
N VAL A 197 8.62 -9.75 -19.35
CA VAL A 197 9.39 -9.44 -18.16
C VAL A 197 9.65 -10.69 -17.32
N LEU A 198 10.85 -10.79 -16.77
CA LEU A 198 11.27 -11.78 -15.81
C LEU A 198 11.67 -11.07 -14.52
N ILE A 199 11.30 -11.64 -13.36
CA ILE A 199 11.65 -11.06 -12.07
C ILE A 199 12.32 -12.12 -11.20
N TYR A 200 13.42 -11.75 -10.56
CA TYR A 200 14.21 -12.69 -9.78
C TYR A 200 14.66 -12.00 -8.49
N MET A 201 15.09 -12.83 -7.54
CA MET A 201 15.66 -12.29 -6.32
C MET A 201 17.16 -12.54 -6.31
N ASP A 202 17.92 -11.46 -6.45
CA ASP A 202 19.36 -11.54 -6.37
C ASP A 202 19.76 -11.85 -4.94
N GLN A 203 20.84 -12.62 -4.80
CA GLN A 203 21.43 -13.04 -3.53
C GLN A 203 21.75 -11.85 -2.62
N THR A 204 22.25 -10.76 -3.23
CA THR A 204 22.77 -9.65 -2.46
C THR A 204 21.61 -9.00 -1.70
N LYS A 205 20.65 -8.44 -2.44
CA LYS A 205 19.48 -7.80 -1.86
C LYS A 205 18.58 -8.80 -1.14
N PHE A 206 18.67 -10.08 -1.52
CA PHE A 206 17.82 -11.12 -0.95
C PHE A 206 18.67 -12.34 -0.63
N PRO A 207 19.32 -12.38 0.55
CA PRO A 207 20.18 -13.50 0.90
C PRO A 207 19.40 -14.76 1.27
N ILE A 208 19.07 -15.57 0.25
CA ILE A 208 18.35 -16.82 0.47
C ILE A 208 19.27 -17.97 0.10
N VAL A 209 19.54 -18.83 1.10
CA VAL A 209 20.28 -20.07 0.90
C VAL A 209 19.73 -20.80 -0.32
N ASN A 210 18.43 -21.12 -0.32
CA ASN A 210 17.85 -21.88 -1.41
C ASN A 210 17.71 -20.98 -2.63
N ALA A 211 18.35 -21.38 -3.73
CA ALA A 211 18.38 -20.58 -4.96
C ALA A 211 17.24 -20.98 -5.90
N GLU A 212 16.44 -21.97 -5.52
CA GLU A 212 15.39 -22.52 -6.38
C GLU A 212 14.02 -21.95 -6.03
N LEU A 213 13.98 -21.01 -5.08
CA LEU A 213 12.73 -20.64 -4.42
C LEU A 213 11.85 -19.86 -5.39
N SER A 214 10.58 -20.25 -5.44
CA SER A 214 9.58 -19.61 -6.28
C SER A 214 9.01 -18.40 -5.56
N PHE A 215 8.27 -17.54 -6.29
CA PHE A 215 7.63 -16.40 -5.63
C PHE A 215 6.51 -15.87 -6.52
N PHE A 216 5.58 -15.13 -5.88
CA PHE A 216 4.30 -14.71 -6.44
C PHE A 216 4.20 -13.18 -6.41
N GLY A 217 3.37 -12.60 -7.29
CA GLY A 217 2.89 -11.23 -7.10
C GLY A 217 1.85 -10.90 -8.16
N HIS A 218 1.54 -9.61 -8.35
CA HIS A 218 0.62 -9.26 -9.42
C HIS A 218 1.18 -8.06 -10.18
N ALA A 219 0.58 -7.77 -11.34
CA ALA A 219 1.07 -6.70 -12.20
C ALA A 219 -0.06 -5.77 -12.59
N HIS A 220 -1.15 -5.78 -11.82
CA HIS A 220 -2.15 -4.75 -12.02
C HIS A 220 -1.63 -3.41 -11.51
N LEU A 221 -1.56 -2.40 -12.39
CA LEU A 221 -1.09 -1.08 -12.01
C LEU A 221 -2.27 -0.35 -11.41
N GLY A 222 -2.58 -0.64 -10.13
CA GLY A 222 -3.88 -0.29 -9.58
C GLY A 222 -4.20 -1.10 -8.32
N THR A 223 -5.42 -0.90 -7.82
CA THR A 223 -5.91 -1.67 -6.69
C THR A 223 -7.32 -2.09 -7.07
N GLY A 224 -7.90 -3.01 -6.31
CA GLY A 224 -9.27 -3.39 -6.60
C GLY A 224 -9.31 -4.45 -7.70
N ASP A 225 -10.53 -4.88 -7.97
CA ASP A 225 -10.78 -5.84 -9.02
C ASP A 225 -10.55 -5.11 -10.32
N PRO A 226 -9.56 -5.52 -11.15
CA PRO A 226 -9.34 -4.88 -12.45
C PRO A 226 -10.57 -4.86 -13.34
N TYR A 227 -11.56 -5.73 -13.08
CA TYR A 227 -12.74 -5.82 -13.95
C TYR A 227 -13.93 -5.05 -13.38
N THR A 228 -13.78 -4.36 -12.22
CA THR A 228 -14.77 -3.36 -11.80
C THR A 228 -14.05 -2.06 -11.42
N PRO A 229 -13.35 -1.44 -12.39
CA PRO A 229 -12.63 -0.21 -12.10
C PRO A 229 -13.59 0.89 -11.65
N GLY A 230 -13.39 1.34 -10.42
CA GLY A 230 -14.11 2.50 -9.90
C GLY A 230 -15.52 2.19 -9.43
N PHE A 231 -15.94 0.92 -9.41
CA PHE A 231 -17.23 0.58 -8.84
C PHE A 231 -17.12 -0.79 -8.19
N PRO A 232 -18.05 -1.13 -7.28
CA PRO A 232 -17.93 -2.34 -6.49
C PRO A 232 -18.28 -3.63 -7.25
N SER A 233 -17.54 -4.70 -6.91
CA SER A 233 -17.77 -6.05 -7.38
C SER A 233 -18.89 -6.67 -6.56
N PHE A 234 -20.10 -6.24 -6.85
CA PHE A 234 -21.31 -6.75 -6.24
C PHE A 234 -22.26 -7.21 -7.34
N ASN A 235 -22.99 -8.30 -7.07
CA ASN A 235 -23.93 -8.89 -8.01
C ASN A 235 -24.90 -7.84 -8.54
N HIS A 236 -25.20 -6.81 -7.75
CA HIS A 236 -26.15 -5.79 -8.18
C HIS A 236 -25.69 -5.08 -9.44
N THR A 237 -24.36 -5.03 -9.67
CA THR A 237 -23.86 -4.39 -10.88
C THR A 237 -24.10 -5.28 -12.10
N GLN A 238 -24.17 -6.59 -11.88
CA GLN A 238 -24.30 -7.58 -12.94
C GLN A 238 -23.06 -7.54 -13.83
N PHE A 239 -21.94 -7.12 -13.26
CA PHE A 239 -20.61 -7.28 -13.83
C PHE A 239 -20.54 -6.84 -15.30
N PRO A 240 -20.71 -5.54 -15.62
CA PRO A 240 -20.71 -5.12 -17.00
C PRO A 240 -19.32 -5.20 -17.60
N PRO A 241 -19.19 -5.20 -18.94
CA PRO A 241 -17.87 -5.15 -19.57
C PRO A 241 -17.18 -3.83 -19.24
N SER A 242 -15.98 -3.93 -18.65
CA SER A 242 -15.29 -2.82 -18.06
C SER A 242 -13.90 -3.28 -17.65
N ARG A 243 -12.82 -2.70 -18.19
CA ARG A 243 -11.49 -3.22 -17.90
C ARG A 243 -10.56 -2.11 -17.43
N SER A 244 -9.70 -2.42 -16.49
CA SER A 244 -8.85 -1.40 -15.88
C SER A 244 -7.68 -1.11 -16.82
N SER A 245 -7.41 0.20 -17.00
CA SER A 245 -6.23 0.74 -17.66
C SER A 245 -4.95 0.16 -17.09
N GLY A 246 -5.00 -0.39 -15.86
CA GLY A 246 -3.80 -0.85 -15.20
C GLY A 246 -3.39 -2.27 -15.58
N LEU A 247 -4.18 -2.95 -16.43
CA LEU A 247 -3.84 -4.31 -16.83
C LEU A 247 -2.70 -4.26 -17.84
N PRO A 248 -1.61 -5.00 -17.63
CA PRO A 248 -0.58 -5.07 -18.65
C PRO A 248 -1.02 -5.82 -19.91
N ASN A 249 -0.27 -5.58 -21.00
CA ASN A 249 -0.52 -6.20 -22.28
C ASN A 249 0.69 -7.02 -22.74
N ILE A 250 1.65 -7.24 -21.86
CA ILE A 250 2.75 -8.14 -22.11
C ILE A 250 2.80 -9.19 -20.99
N PRO A 251 3.44 -10.35 -21.23
CA PRO A 251 3.63 -11.34 -20.18
C PRO A 251 4.74 -11.03 -19.20
N VAL A 252 4.53 -11.53 -17.96
CA VAL A 252 5.38 -11.32 -16.80
C VAL A 252 5.45 -12.64 -16.03
N GLN A 253 6.63 -12.97 -15.53
CA GLN A 253 6.86 -14.19 -14.78
C GLN A 253 8.00 -14.02 -13.78
N THR A 254 7.79 -14.60 -12.58
CA THR A 254 8.83 -14.76 -11.57
C THR A 254 9.63 -16.04 -11.88
N ILE A 255 10.92 -15.99 -11.53
CA ILE A 255 11.85 -17.08 -11.72
C ILE A 255 12.74 -17.13 -10.50
N SER A 256 13.34 -18.31 -10.24
CA SER A 256 14.30 -18.48 -9.17
C SER A 256 15.60 -17.77 -9.51
N ARG A 257 16.44 -17.61 -8.48
CA ARG A 257 17.80 -17.11 -8.65
C ARG A 257 18.61 -18.12 -9.49
N ALA A 258 18.38 -19.41 -9.24
CA ALA A 258 19.02 -20.45 -10.05
C ALA A 258 18.78 -20.19 -11.52
N ALA A 259 17.50 -20.02 -11.86
CA ALA A 259 17.07 -19.74 -13.23
C ALA A 259 17.77 -18.49 -13.77
N ALA A 260 17.84 -17.44 -12.94
CA ALA A 260 18.41 -16.19 -13.39
C ALA A 260 19.90 -16.38 -13.69
N GLU A 261 20.58 -17.14 -12.83
CA GLU A 261 22.00 -17.41 -13.00
C GLU A 261 22.25 -18.20 -14.29
N LYS A 262 21.42 -19.20 -14.57
CA LYS A 262 21.54 -19.93 -15.81
C LYS A 262 21.41 -18.99 -16.99
N LEU A 263 20.55 -17.97 -16.87
CA LEU A 263 20.38 -17.05 -17.99
C LEU A 263 21.60 -16.15 -18.13
N PHE A 264 22.18 -15.73 -17.00
CA PHE A 264 23.32 -14.82 -16.99
C PHE A 264 24.50 -15.51 -17.67
N GLY A 265 24.63 -16.83 -17.45
CA GLY A 265 25.60 -17.66 -18.14
C GLY A 265 25.37 -17.79 -19.64
N ASN A 266 24.43 -17.03 -20.19
CA ASN A 266 24.17 -16.98 -21.62
C ASN A 266 24.20 -15.53 -22.10
N MET A 267 24.80 -14.66 -21.27
CA MET A 267 24.68 -13.23 -21.46
C MET A 267 26.04 -12.57 -21.28
N GLU A 268 26.16 -11.38 -21.85
CA GLU A 268 27.39 -10.62 -21.83
C GLU A 268 27.15 -9.28 -21.14
N GLY A 269 28.23 -8.64 -20.69
CA GLY A 269 28.17 -7.28 -20.18
C GLY A 269 28.07 -7.29 -18.67
N ASP A 270 29.06 -6.68 -18.02
CA ASP A 270 29.06 -6.53 -16.56
C ASP A 270 28.01 -5.49 -16.19
N CYS A 271 27.29 -5.79 -15.09
CA CYS A 271 26.25 -4.93 -14.58
C CYS A 271 26.91 -3.78 -13.83
N PRO A 272 26.47 -2.52 -13.99
CA PRO A 272 27.06 -1.42 -13.23
C PRO A 272 27.23 -1.81 -11.76
N SER A 273 28.42 -1.56 -11.22
CA SER A 273 28.73 -1.93 -9.84
C SER A 273 27.89 -1.13 -8.84
N ASP A 274 27.34 0.03 -9.28
CA ASP A 274 26.44 0.82 -8.47
C ASP A 274 25.04 0.20 -8.38
N TRP A 275 24.74 -0.83 -9.19
CA TRP A 275 23.59 -1.71 -9.00
C TRP A 275 23.78 -2.55 -7.74
N LYS A 276 25.04 -2.89 -7.44
CA LYS A 276 25.41 -3.70 -6.29
C LYS A 276 24.74 -5.06 -6.30
N THR A 277 24.56 -5.66 -7.49
CA THR A 277 24.02 -7.02 -7.59
C THR A 277 25.18 -8.01 -7.44
N ASP A 278 24.86 -9.30 -7.61
CA ASP A 278 25.83 -10.38 -7.51
C ASP A 278 26.77 -10.31 -8.72
N SER A 279 27.91 -11.01 -8.59
CA SER A 279 28.94 -11.04 -9.63
C SER A 279 28.41 -11.74 -10.89
N THR A 280 27.57 -12.76 -10.70
CA THR A 280 27.08 -13.57 -11.81
C THR A 280 26.19 -12.75 -12.73
N CYS A 281 25.90 -11.49 -12.37
CA CYS A 281 25.00 -10.65 -13.14
C CYS A 281 25.58 -10.31 -14.51
N ARG A 282 24.72 -10.25 -15.53
CA ARG A 282 25.09 -9.83 -16.87
C ARG A 282 23.91 -9.08 -17.48
N MET A 283 24.13 -8.45 -18.65
CA MET A 283 23.25 -7.38 -19.12
C MET A 283 22.45 -7.76 -20.35
N VAL A 284 22.96 -8.66 -21.23
CA VAL A 284 22.37 -8.86 -22.55
C VAL A 284 22.70 -10.26 -23.06
N THR A 285 21.72 -10.93 -23.70
CA THR A 285 21.92 -12.23 -24.31
C THR A 285 23.00 -12.16 -25.39
N SER A 286 23.86 -13.19 -25.44
CA SER A 286 24.85 -13.37 -26.49
C SER A 286 24.19 -13.36 -27.86
N GLU A 287 25.00 -13.19 -28.92
CA GLU A 287 24.49 -12.79 -30.23
C GLU A 287 23.58 -13.88 -30.83
N SER A 288 23.90 -15.15 -30.57
CA SER A 288 23.14 -16.27 -31.14
C SER A 288 21.91 -16.65 -30.30
N LYS A 289 21.76 -16.09 -29.09
CA LYS A 289 20.83 -16.64 -28.11
C LYS A 289 19.62 -15.74 -27.90
N ASN A 290 18.45 -16.36 -27.99
CA ASN A 290 17.21 -15.76 -27.56
C ASN A 290 16.66 -16.50 -26.35
N VAL A 291 15.63 -15.89 -25.76
CA VAL A 291 14.88 -16.57 -24.74
C VAL A 291 13.41 -16.42 -25.09
N LYS A 292 12.68 -17.48 -24.81
CA LYS A 292 11.26 -17.55 -25.05
C LYS A 292 10.59 -17.69 -23.69
N LEU A 293 9.65 -16.77 -23.45
CA LEU A 293 8.81 -16.78 -22.26
C LEU A 293 7.42 -17.27 -22.67
N THR A 294 6.93 -18.29 -21.97
CA THR A 294 5.56 -18.73 -22.16
C THR A 294 4.85 -18.60 -20.81
N VAL A 295 3.73 -17.89 -20.79
CA VAL A 295 2.93 -17.90 -19.60
C VAL A 295 1.49 -18.16 -20.01
N SER A 296 0.85 -18.98 -19.18
CA SER A 296 -0.54 -19.34 -19.34
C SER A 296 -1.31 -19.10 -18.03
N ASN A 297 -2.51 -18.51 -18.14
CA ASN A 297 -3.33 -18.26 -16.98
C ASN A 297 -4.77 -18.23 -17.44
N VAL A 298 -5.68 -18.26 -16.48
CA VAL A 298 -7.11 -18.26 -16.72
C VAL A 298 -7.76 -17.24 -15.79
N LEU A 299 -8.82 -16.62 -16.30
CA LEU A 299 -9.52 -15.60 -15.57
C LEU A 299 -10.67 -16.25 -14.81
N LYS A 300 -10.54 -16.32 -13.49
CA LYS A 300 -11.53 -16.94 -12.62
C LYS A 300 -12.30 -15.88 -11.83
N GLU A 301 -13.61 -16.11 -11.72
CA GLU A 301 -14.48 -15.43 -10.79
C GLU A 301 -14.29 -16.10 -9.43
N ILE A 302 -13.92 -15.31 -8.42
CA ILE A 302 -13.60 -15.82 -7.10
C ILE A 302 -14.45 -15.07 -6.08
N LYS A 303 -15.02 -15.82 -5.14
CA LYS A 303 -15.76 -15.23 -4.05
C LYS A 303 -14.78 -14.87 -2.96
N ILE A 304 -14.81 -13.60 -2.49
CA ILE A 304 -13.94 -13.23 -1.38
C ILE A 304 -14.74 -12.65 -0.23
N LEU A 305 -14.17 -12.76 0.97
CA LEU A 305 -14.84 -12.37 2.20
C LEU A 305 -14.05 -11.32 2.95
N ASN A 306 -14.74 -10.22 3.24
CA ASN A 306 -14.23 -9.28 4.22
C ASN A 306 -15.03 -9.46 5.51
N ILE A 307 -14.33 -9.58 6.65
CA ILE A 307 -14.92 -9.83 7.95
C ILE A 307 -14.68 -8.61 8.84
N PHE A 308 -15.76 -8.14 9.48
CA PHE A 308 -15.74 -6.90 10.23
C PHE A 308 -16.29 -7.09 11.64
N GLY A 309 -15.72 -6.33 12.59
CA GLY A 309 -16.40 -6.04 13.85
C GLY A 309 -16.34 -4.54 14.17
N VAL A 310 -17.26 -4.05 15.01
CA VAL A 310 -17.20 -2.68 15.48
C VAL A 310 -17.42 -2.64 16.99
N ILE A 311 -16.67 -1.74 17.65
CA ILE A 311 -16.97 -1.26 18.99
C ILE A 311 -17.61 0.11 18.85
N LYS A 312 -18.93 0.21 19.09
CA LYS A 312 -19.63 1.47 18.89
C LYS A 312 -19.13 2.52 19.88
N GLY A 313 -19.13 3.78 19.43
CA GLY A 313 -18.66 4.86 20.30
C GLY A 313 -19.78 5.27 21.25
N PHE A 314 -19.41 6.06 22.25
CA PHE A 314 -20.36 6.44 23.29
C PHE A 314 -20.99 7.81 23.02
N VAL A 315 -20.39 8.66 22.19
CA VAL A 315 -20.87 10.03 22.03
C VAL A 315 -21.20 10.33 20.57
N GLU A 316 -20.26 10.05 19.67
CA GLU A 316 -20.48 10.20 18.25
C GLU A 316 -20.22 8.88 17.57
N PRO A 317 -21.10 7.89 17.74
CA PRO A 317 -20.83 6.55 17.26
C PRO A 317 -20.79 6.44 15.74
N ASP A 318 -21.39 7.41 15.06
CA ASP A 318 -21.48 7.44 13.61
C ASP A 318 -20.18 7.92 12.93
N HIS A 319 -19.19 8.35 13.72
CA HIS A 319 -17.86 8.64 13.20
C HIS A 319 -16.91 7.54 13.65
N TYR A 320 -15.94 7.16 12.83
CA TYR A 320 -15.16 6.00 13.22
C TYR A 320 -13.78 6.00 12.60
N VAL A 321 -12.88 5.34 13.32
CA VAL A 321 -11.61 4.91 12.77
C VAL A 321 -11.79 3.47 12.26
N VAL A 322 -10.93 3.09 11.29
CA VAL A 322 -10.90 1.75 10.71
C VAL A 322 -9.49 1.18 10.89
N VAL A 323 -9.43 -0.05 11.40
CA VAL A 323 -8.18 -0.77 11.54
C VAL A 323 -8.25 -2.04 10.71
N GLY A 324 -7.21 -2.31 9.92
CA GLY A 324 -7.32 -3.25 8.80
C GLY A 324 -6.07 -4.12 8.63
N ALA A 325 -6.30 -5.37 8.23
CA ALA A 325 -5.20 -6.29 7.98
C ALA A 325 -5.59 -7.29 6.90
N GLN A 326 -4.64 -7.54 6.02
CA GLN A 326 -4.77 -8.53 4.98
C GLN A 326 -4.77 -9.90 5.65
N ARG A 327 -5.74 -10.74 5.27
CA ARG A 327 -5.82 -12.11 5.72
C ARG A 327 -5.22 -13.10 4.71
N ASP A 328 -5.31 -12.80 3.39
CA ASP A 328 -4.97 -13.76 2.34
C ASP A 328 -3.47 -13.74 2.06
N ALA A 329 -2.97 -14.85 1.51
CA ALA A 329 -1.63 -14.88 0.91
C ALA A 329 -1.40 -16.13 0.09
N TRP A 330 -0.63 -15.95 -0.98
CA TRP A 330 0.12 -17.02 -1.62
C TRP A 330 1.24 -17.50 -0.69
N GLY A 331 1.32 -18.81 -0.53
CA GLY A 331 2.14 -19.38 0.51
C GLY A 331 1.54 -19.15 1.90
N PRO A 332 2.30 -19.45 2.96
CA PRO A 332 1.83 -19.36 4.35
C PRO A 332 1.72 -17.95 4.91
N GLY A 333 2.55 -17.03 4.40
CA GLY A 333 2.27 -15.62 4.57
C GLY A 333 2.27 -15.22 6.04
N ALA A 334 3.27 -15.68 6.80
CA ALA A 334 3.34 -15.38 8.22
C ALA A 334 3.58 -13.89 8.44
N ALA A 335 4.53 -13.33 7.69
CA ALA A 335 4.87 -11.92 7.80
C ALA A 335 3.90 -11.07 6.97
N LYS A 336 3.52 -11.60 5.81
CA LYS A 336 2.64 -10.91 4.89
C LYS A 336 1.28 -10.69 5.55
N SER A 337 0.68 -11.73 6.12
CA SER A 337 -0.70 -11.63 6.54
C SER A 337 -0.96 -12.03 7.99
N GLY A 338 -0.16 -12.95 8.55
CA GLY A 338 -0.45 -13.53 9.85
C GLY A 338 -0.16 -12.54 10.98
N VAL A 339 0.98 -11.86 10.91
CA VAL A 339 1.34 -10.85 11.90
C VAL A 339 0.22 -9.81 12.00
N GLY A 340 -0.11 -9.23 10.85
CA GLY A 340 -1.18 -8.25 10.78
C GLY A 340 -2.51 -8.80 11.29
N THR A 341 -2.89 -10.01 10.84
CA THR A 341 -4.13 -10.60 11.30
C THR A 341 -4.09 -10.85 12.82
N ALA A 342 -2.93 -11.23 13.35
CA ALA A 342 -2.80 -11.46 14.78
C ALA A 342 -3.04 -10.16 15.54
N LEU A 343 -2.44 -9.08 15.04
CA LEU A 343 -2.60 -7.77 15.64
C LEU A 343 -4.06 -7.37 15.58
N LEU A 344 -4.74 -7.59 14.45
CA LEU A 344 -6.14 -7.23 14.32
C LEU A 344 -6.91 -7.86 15.48
N LEU A 345 -6.68 -9.17 15.67
CA LEU A 345 -7.43 -9.99 16.62
C LEU A 345 -7.21 -9.49 18.04
N LYS A 346 -5.94 -9.37 18.43
CA LYS A 346 -5.58 -8.98 19.78
C LYS A 346 -6.06 -7.57 20.10
N LEU A 347 -5.96 -6.65 19.12
CA LEU A 347 -6.43 -5.29 19.27
C LEU A 347 -7.94 -5.28 19.55
N ALA A 348 -8.69 -6.04 18.76
CA ALA A 348 -10.14 -6.03 18.92
C ALA A 348 -10.51 -6.63 20.28
N GLN A 349 -9.70 -7.57 20.75
CA GLN A 349 -9.97 -8.26 21.99
C GLN A 349 -9.74 -7.34 23.19
N MET A 350 -8.49 -6.83 23.27
CA MET A 350 -8.08 -5.86 24.26
C MET A 350 -9.05 -4.67 24.30
N PHE A 351 -9.36 -4.07 23.15
CA PHE A 351 -10.25 -2.93 23.21
C PHE A 351 -11.60 -3.37 23.75
N SER A 352 -12.08 -4.57 23.39
CA SER A 352 -13.37 -5.03 23.88
C SER A 352 -13.33 -5.23 25.39
N ASP A 353 -12.23 -5.76 25.93
CA ASP A 353 -12.04 -5.91 27.37
C ASP A 353 -12.06 -4.53 28.02
N MET A 354 -11.29 -3.61 27.47
CA MET A 354 -11.19 -2.29 28.04
C MET A 354 -12.57 -1.67 28.19
N VAL A 355 -13.44 -1.89 27.21
CA VAL A 355 -14.77 -1.28 27.24
C VAL A 355 -15.68 -2.05 28.19
N LEU A 356 -15.65 -3.37 28.11
CA LEU A 356 -16.56 -4.22 28.88
C LEU A 356 -16.17 -4.20 30.36
N LYS A 357 -14.87 -4.11 30.65
CA LYS A 357 -14.34 -4.32 31.99
C LYS A 357 -13.79 -3.04 32.61
N ASP A 358 -12.94 -2.28 31.93
CA ASP A 358 -12.28 -1.15 32.59
C ASP A 358 -12.95 0.19 32.32
N GLY A 359 -14.20 0.21 31.86
CA GLY A 359 -14.92 1.47 31.69
C GLY A 359 -14.38 2.38 30.58
N PHE A 360 -13.66 1.84 29.58
CA PHE A 360 -13.24 2.65 28.44
C PHE A 360 -14.48 3.06 27.63
N GLN A 361 -14.64 4.36 27.42
CA GLN A 361 -15.75 4.86 26.64
C GLN A 361 -15.26 5.70 25.47
N PRO A 362 -14.86 5.09 24.34
CA PRO A 362 -14.52 5.86 23.15
C PRO A 362 -15.75 6.65 22.72
N SER A 363 -15.56 7.94 22.37
CA SER A 363 -16.66 8.74 21.85
C SER A 363 -17.05 8.29 20.45
N ARG A 364 -16.04 7.93 19.65
CA ARG A 364 -16.27 7.55 18.27
C ARG A 364 -16.02 6.04 18.16
N SER A 365 -16.56 5.42 17.11
CA SER A 365 -16.49 3.98 16.94
C SER A 365 -15.16 3.52 16.35
N ILE A 366 -14.96 2.20 16.44
CA ILE A 366 -13.77 1.54 15.91
C ILE A 366 -14.21 0.32 15.12
N ILE A 367 -13.91 0.32 13.80
CA ILE A 367 -14.16 -0.84 12.95
C ILE A 367 -12.85 -1.60 12.82
N PHE A 368 -12.95 -2.93 12.91
CA PHE A 368 -11.83 -3.85 12.66
C PHE A 368 -12.16 -4.63 11.40
N ALA A 369 -11.26 -4.59 10.39
CA ALA A 369 -11.50 -5.20 9.09
C ALA A 369 -10.43 -6.23 8.78
N SER A 370 -10.87 -7.45 8.43
CA SER A 370 -10.00 -8.50 7.94
C SER A 370 -10.27 -8.67 6.46
N TRP A 371 -9.31 -8.18 5.63
CA TRP A 371 -9.50 -8.07 4.18
C TRP A 371 -9.00 -9.35 3.49
N SER A 372 -9.70 -9.77 2.44
CA SER A 372 -9.11 -10.72 1.49
C SER A 372 -8.60 -10.03 0.21
N ALA A 373 -7.83 -10.83 -0.56
CA ALA A 373 -7.30 -10.49 -1.88
C ALA A 373 -6.41 -9.24 -1.82
N GLY A 374 -5.83 -8.99 -0.67
CA GLY A 374 -4.74 -8.03 -0.54
C GLY A 374 -3.58 -8.39 -1.47
N ASP A 375 -3.24 -9.68 -1.60
CA ASP A 375 -2.11 -10.15 -2.40
C ASP A 375 -2.27 -9.80 -3.89
N PHE A 376 -3.49 -9.49 -4.33
CA PHE A 376 -3.80 -9.18 -5.71
C PHE A 376 -4.01 -7.67 -5.90
N GLY A 377 -3.72 -6.88 -4.86
CA GLY A 377 -3.74 -5.42 -4.97
C GLY A 377 -4.81 -4.76 -4.13
N SER A 378 -4.83 -5.06 -2.83
CA SER A 378 -5.78 -4.44 -1.91
C SER A 378 -7.20 -4.57 -2.42
N VAL A 379 -7.53 -5.74 -2.95
CA VAL A 379 -8.78 -5.86 -3.68
C VAL A 379 -9.99 -5.77 -2.74
N GLY A 380 -9.99 -6.57 -1.65
CA GLY A 380 -11.12 -6.59 -0.70
C GLY A 380 -11.34 -5.21 -0.09
N ALA A 381 -10.25 -4.53 0.24
CA ALA A 381 -10.35 -3.21 0.85
C ALA A 381 -10.92 -2.23 -0.15
N THR A 382 -10.44 -2.31 -1.39
CA THR A 382 -10.85 -1.35 -2.42
C THR A 382 -12.33 -1.49 -2.71
N GLU A 383 -12.81 -2.73 -2.79
CA GLU A 383 -14.21 -2.97 -3.15
C GLU A 383 -15.11 -2.48 -2.01
N TRP A 384 -14.66 -2.60 -0.77
CA TRP A 384 -15.40 -2.07 0.36
C TRP A 384 -15.53 -0.55 0.23
N LEU A 385 -14.38 0.12 -0.01
CA LEU A 385 -14.37 1.55 -0.24
C LEU A 385 -15.30 1.96 -1.38
N GLU A 386 -15.29 1.20 -2.47
CA GLU A 386 -16.09 1.59 -3.61
C GLU A 386 -17.55 1.30 -3.31
N GLY A 387 -17.80 0.19 -2.65
CA GLY A 387 -19.16 -0.18 -2.28
C GLY A 387 -19.87 0.83 -1.36
N TYR A 388 -19.15 1.29 -0.31
CA TYR A 388 -19.81 2.03 0.75
C TYR A 388 -19.30 3.47 0.85
N LEU A 389 -18.82 4.03 -0.26
CA LEU A 389 -18.29 5.39 -0.26
C LEU A 389 -19.31 6.37 0.32
N SER A 390 -20.57 6.27 -0.10
CA SER A 390 -21.58 7.20 0.36
C SER A 390 -21.71 7.11 1.89
N SER A 391 -21.49 5.91 2.48
CA SER A 391 -21.64 5.77 3.92
C SER A 391 -20.39 6.24 4.65
N LEU A 392 -19.23 6.19 3.96
CA LEU A 392 -17.95 6.49 4.59
C LEU A 392 -17.66 7.99 4.63
N HIS A 393 -18.24 8.73 3.70
CA HIS A 393 -17.87 10.10 3.43
C HIS A 393 -18.01 10.95 4.71
N LEU A 394 -16.90 11.51 5.16
CA LEU A 394 -16.83 12.37 6.34
C LEU A 394 -17.36 11.63 7.57
N LYS A 395 -17.29 10.30 7.60
CA LYS A 395 -17.68 9.51 8.77
C LYS A 395 -16.46 8.74 9.23
N ALA A 396 -15.79 8.07 8.26
CA ALA A 396 -14.51 7.42 8.52
C ALA A 396 -13.43 8.49 8.45
N PHE A 397 -12.69 8.68 9.54
CA PHE A 397 -11.88 9.88 9.66
C PHE A 397 -10.41 9.47 9.77
N THR A 398 -10.13 8.18 9.93
CA THR A 398 -8.77 7.68 9.84
C THR A 398 -8.78 6.17 9.58
N TYR A 399 -7.72 5.70 8.88
CA TYR A 399 -7.48 4.28 8.65
C TYR A 399 -6.08 3.92 9.13
N ILE A 400 -6.02 2.81 9.86
CA ILE A 400 -4.76 2.26 10.34
C ILE A 400 -4.58 0.85 9.75
N ASN A 401 -3.49 0.67 9.01
CA ASN A 401 -3.17 -0.59 8.40
C ASN A 401 -2.19 -1.31 9.31
N LEU A 402 -2.26 -2.65 9.37
CA LEU A 402 -1.43 -3.45 10.24
C LEU A 402 -0.48 -4.40 9.50
N ASP A 403 -0.53 -4.42 8.16
CA ASP A 403 0.19 -5.41 7.38
C ASP A 403 1.69 -5.20 7.50
N LYS A 404 2.45 -6.29 7.61
CA LYS A 404 3.90 -6.23 7.64
C LYS A 404 4.39 -5.23 8.68
N ALA A 405 3.71 -5.17 9.83
CA ALA A 405 4.15 -4.30 10.91
C ALA A 405 5.40 -4.86 11.60
N VAL A 406 5.74 -6.13 11.35
CA VAL A 406 6.93 -6.70 11.97
C VAL A 406 7.76 -7.49 10.95
N LEU A 407 8.90 -6.90 10.59
CA LEU A 407 9.81 -7.45 9.60
C LEU A 407 11.25 -7.53 10.13
N GLY A 408 11.47 -6.95 11.31
CA GLY A 408 12.82 -6.76 11.85
C GLY A 408 12.72 -5.99 13.16
N THR A 409 13.85 -5.45 13.62
CA THR A 409 13.83 -4.73 14.89
C THR A 409 14.64 -3.45 14.79
N SER A 410 15.45 -3.27 13.74
CA SER A 410 16.33 -2.11 13.67
C SER A 410 15.52 -0.81 13.69
N ASN A 411 14.72 -0.61 12.65
CA ASN A 411 14.11 0.69 12.41
C ASN A 411 12.60 0.62 12.62
N PHE A 412 12.06 1.76 13.04
CA PHE A 412 10.64 1.99 13.01
C PHE A 412 10.35 2.96 11.86
N LYS A 413 9.70 2.48 10.82
CA LYS A 413 9.42 3.32 9.67
C LYS A 413 7.90 3.51 9.59
N VAL A 414 7.47 4.69 9.14
CA VAL A 414 6.05 4.97 9.02
C VAL A 414 5.78 5.72 7.72
N SER A 415 4.59 5.53 7.11
CA SER A 415 4.10 6.33 6.00
C SER A 415 2.64 6.69 6.27
N ALA A 416 2.26 7.95 5.99
CA ALA A 416 0.94 8.41 6.40
C ALA A 416 0.56 9.75 5.79
N SER A 417 -0.73 10.08 5.92
CA SER A 417 -1.17 11.44 5.77
C SER A 417 -0.44 12.35 6.73
N PRO A 418 0.01 13.53 6.28
CA PRO A 418 0.51 14.58 7.17
C PRO A 418 -0.42 14.88 8.36
N LEU A 419 -1.74 14.72 8.16
CA LEU A 419 -2.70 14.93 9.21
C LEU A 419 -2.38 14.10 10.46
N LEU A 420 -1.58 13.03 10.32
CA LEU A 420 -1.38 12.07 11.38
C LEU A 420 0.02 12.19 11.97
N TYR A 421 0.85 13.07 11.42
CA TYR A 421 2.23 13.14 11.85
C TYR A 421 2.34 13.47 13.33
N THR A 422 1.54 14.41 13.83
CA THR A 422 1.72 14.86 15.20
C THR A 422 1.34 13.71 16.14
N LEU A 423 0.20 13.08 15.88
CA LEU A 423 -0.20 11.91 16.64
C LEU A 423 0.91 10.86 16.67
N ILE A 424 1.51 10.64 15.50
CA ILE A 424 2.60 9.70 15.36
C ILE A 424 3.78 10.14 16.23
N GLU A 425 4.10 11.44 16.18
CA GLU A 425 5.24 11.95 16.93
C GLU A 425 5.05 11.67 18.42
N LYS A 426 3.90 12.11 18.93
CA LYS A 426 3.53 11.90 20.32
C LYS A 426 3.60 10.41 20.71
N THR A 427 3.24 9.54 19.77
CA THR A 427 3.19 8.13 20.08
C THR A 427 4.62 7.60 20.15
N MET A 428 5.51 8.05 19.26
CA MET A 428 6.88 7.57 19.28
C MET A 428 7.66 8.07 20.50
N GLN A 429 7.26 9.23 21.04
CA GLN A 429 7.91 9.83 22.18
C GLN A 429 7.53 9.13 23.49
N ASN A 430 6.48 8.31 23.48
CA ASN A 430 6.08 7.69 24.73
C ASN A 430 6.01 6.16 24.60
N VAL A 431 6.20 5.60 23.41
CA VAL A 431 6.30 4.15 23.24
C VAL A 431 7.78 3.81 23.12
N LYS A 432 8.17 2.64 23.64
CA LYS A 432 9.57 2.27 23.73
C LYS A 432 9.90 1.18 22.72
N HIS A 433 11.14 1.23 22.23
CA HIS A 433 11.63 0.21 21.31
C HIS A 433 11.64 -1.11 22.08
N PRO A 434 11.32 -2.27 21.45
CA PRO A 434 11.22 -3.53 22.18
C PRO A 434 12.56 -4.19 22.51
N VAL A 435 13.66 -3.71 21.89
CA VAL A 435 14.99 -4.30 21.99
C VAL A 435 15.84 -3.39 22.88
N THR A 436 16.29 -2.25 22.36
CA THR A 436 16.65 -1.14 23.23
C THR A 436 15.42 -0.83 24.06
N GLY A 437 15.61 -0.16 25.20
CA GLY A 437 14.47 0.25 26.01
C GLY A 437 14.10 1.71 25.73
N GLN A 438 14.58 2.24 24.61
CA GLN A 438 14.48 3.66 24.37
C GLN A 438 13.27 4.02 23.51
N PHE A 439 12.80 5.25 23.69
CA PHE A 439 11.67 5.81 22.98
C PHE A 439 11.95 5.78 21.49
N LEU A 440 10.86 5.66 20.71
CA LEU A 440 10.99 5.54 19.28
C LEU A 440 11.44 6.87 18.68
N TYR A 441 11.04 8.00 19.28
CA TYR A 441 11.38 9.31 18.78
C TYR A 441 12.87 9.59 19.03
N GLN A 442 13.71 9.23 18.05
CA GLN A 442 15.13 9.55 18.13
C GLN A 442 15.42 10.75 17.25
N ASP A 443 14.72 10.83 16.13
CA ASP A 443 15.06 11.80 15.12
C ASP A 443 14.04 12.93 15.11
N SER A 444 14.58 14.12 15.33
CA SER A 444 13.84 15.36 15.24
C SER A 444 13.26 15.60 13.86
N ASN A 445 13.98 15.22 12.80
CA ASN A 445 13.60 15.62 11.46
C ASN A 445 12.87 14.48 10.74
N TRP A 446 12.30 13.55 11.50
CA TRP A 446 11.83 12.29 10.94
C TRP A 446 10.75 12.56 9.89
N ALA A 447 9.90 13.56 10.17
CA ALA A 447 8.74 13.88 9.36
C ALA A 447 9.15 14.25 7.93
N SER A 448 10.32 14.89 7.78
CA SER A 448 10.78 15.28 6.47
C SER A 448 11.35 14.08 5.71
N LYS A 449 11.59 12.93 6.35
CA LYS A 449 12.09 11.77 5.62
C LYS A 449 10.98 10.76 5.29
N VAL A 450 9.73 11.07 5.56
CA VAL A 450 8.70 10.07 5.38
C VAL A 450 8.43 9.87 3.89
N GLU A 451 8.42 8.61 3.44
CA GLU A 451 8.00 8.28 2.09
C GLU A 451 6.49 8.10 2.08
N LYS A 452 5.91 8.47 0.94
CA LYS A 452 4.48 8.42 0.76
C LYS A 452 4.05 6.97 0.54
N LEU A 453 2.80 6.69 0.89
CA LEU A 453 2.19 5.40 0.62
C LEU A 453 2.26 5.05 -0.85
N THR A 454 2.51 3.77 -1.11
CA THR A 454 2.57 3.26 -2.48
C THR A 454 1.45 2.26 -2.71
N LEU A 455 1.36 1.90 -4.00
CA LEU A 455 0.27 1.19 -4.61
C LEU A 455 -0.02 -0.16 -3.97
N ASP A 456 1.01 -0.80 -3.41
CA ASP A 456 0.87 -2.12 -2.84
C ASP A 456 0.44 -2.08 -1.35
N ASN A 457 0.43 -0.90 -0.73
CA ASN A 457 0.02 -0.75 0.65
C ASN A 457 -1.49 -0.48 0.70
N ALA A 458 -2.22 -1.21 1.56
CA ALA A 458 -3.68 -1.11 1.57
C ALA A 458 -4.18 0.23 2.12
N ALA A 459 -3.34 0.96 2.87
CA ALA A 459 -3.66 2.32 3.29
C ALA A 459 -3.78 3.28 2.10
N PHE A 460 -3.12 2.95 0.97
CA PHE A 460 -3.01 3.85 -0.17
C PHE A 460 -4.39 4.23 -0.70
N PRO A 461 -5.26 3.26 -1.04
CA PRO A 461 -6.59 3.60 -1.50
C PRO A 461 -7.42 4.38 -0.48
N PHE A 462 -7.25 4.07 0.81
CA PHE A 462 -7.98 4.80 1.85
C PHE A 462 -7.67 6.29 1.72
N LEU A 463 -6.39 6.61 1.57
CA LEU A 463 -6.00 8.01 1.43
C LEU A 463 -6.25 8.55 0.02
N ALA A 464 -5.79 7.85 -1.02
CA ALA A 464 -5.67 8.48 -2.33
C ALA A 464 -7.00 8.50 -3.07
N TYR A 465 -7.89 7.55 -2.73
CA TYR A 465 -9.14 7.37 -3.44
C TYR A 465 -10.28 7.93 -2.58
N SER A 466 -10.38 7.51 -1.32
CA SER A 466 -11.52 7.95 -0.52
C SER A 466 -11.14 9.14 0.37
N GLY A 467 -9.87 9.56 0.39
CA GLY A 467 -9.50 10.73 1.15
C GLY A 467 -9.74 10.55 2.67
N ILE A 468 -9.44 9.35 3.16
CA ILE A 468 -9.38 9.05 4.58
C ILE A 468 -7.91 9.07 5.01
N PRO A 469 -7.51 9.98 5.91
CA PRO A 469 -6.16 9.94 6.43
C PRO A 469 -5.81 8.53 6.83
N ALA A 470 -4.60 8.10 6.49
CA ALA A 470 -4.23 6.72 6.70
C ALA A 470 -2.79 6.63 7.16
N VAL A 471 -2.46 5.54 7.87
CA VAL A 471 -1.11 5.31 8.35
C VAL A 471 -0.76 3.83 8.21
N SER A 472 0.51 3.58 7.87
CA SER A 472 1.09 2.25 7.89
C SER A 472 2.45 2.34 8.57
N PHE A 473 2.87 1.30 9.29
CA PHE A 473 4.12 1.39 10.04
C PHE A 473 4.67 0.01 10.27
N CYS A 474 5.96 -0.03 10.58
CA CYS A 474 6.63 -1.31 10.78
C CYS A 474 7.91 -1.12 11.60
N PHE A 475 8.24 -2.17 12.35
CA PHE A 475 9.60 -2.49 12.71
C PHE A 475 10.22 -3.29 11.57
N CYS A 476 11.40 -2.85 11.12
CA CYS A 476 11.88 -3.03 9.76
C CYS A 476 13.40 -3.09 9.85
N GLU A 477 14.03 -3.79 8.90
CA GLU A 477 15.47 -3.67 8.69
C GLU A 477 15.70 -2.68 7.56
N ASP A 478 16.97 -2.46 7.19
CA ASP A 478 17.29 -1.78 5.95
C ASP A 478 17.01 -2.70 4.76
N THR A 479 17.14 -4.02 4.96
CA THR A 479 16.79 -5.00 3.95
C THR A 479 15.28 -5.20 3.94
N ASP A 480 14.77 -5.57 2.77
CA ASP A 480 13.48 -6.22 2.66
C ASP A 480 13.55 -7.58 3.33
N TYR A 481 12.45 -7.96 3.96
CA TYR A 481 12.27 -9.31 4.47
C TYR A 481 12.13 -10.23 3.26
N PRO A 482 13.08 -11.15 3.09
CA PRO A 482 13.25 -11.85 1.82
C PRO A 482 12.22 -12.92 1.49
N TYR A 483 11.38 -13.33 2.44
CA TYR A 483 10.53 -14.49 2.21
C TYR A 483 9.13 -14.07 1.74
N LEU A 484 8.87 -12.76 1.77
CA LEU A 484 7.60 -12.22 1.29
C LEU A 484 7.28 -12.78 -0.09
N GLY A 485 6.05 -13.29 -0.25
CA GLY A 485 5.60 -13.88 -1.50
C GLY A 485 6.19 -15.28 -1.78
N THR A 486 6.90 -15.90 -0.80
CA THR A 486 7.48 -17.23 -0.98
C THR A 486 6.90 -18.22 0.02
N THR A 487 7.18 -19.50 -0.22
CA THR A 487 6.71 -20.59 0.63
C THR A 487 7.50 -20.66 1.93
N MET A 488 8.56 -19.85 2.06
CA MET A 488 9.32 -19.80 3.29
C MET A 488 8.85 -18.68 4.22
N ASP A 489 7.72 -18.03 3.91
CA ASP A 489 7.17 -17.05 4.85
C ASP A 489 6.40 -17.80 5.95
N THR A 490 7.12 -18.34 6.94
CA THR A 490 6.55 -19.20 7.97
C THR A 490 6.82 -18.62 9.35
N TYR A 491 6.13 -19.17 10.34
CA TYR A 491 6.39 -18.84 11.73
C TYR A 491 7.84 -19.20 12.06
N LYS A 492 8.29 -20.41 11.66
CA LYS A 492 9.64 -20.90 11.91
C LYS A 492 10.65 -19.82 11.51
N GLU A 493 10.54 -19.36 10.26
CA GLU A 493 11.47 -18.38 9.73
C GLU A 493 11.36 -17.07 10.49
N LEU A 494 10.15 -16.68 10.86
CA LEU A 494 9.95 -15.37 11.44
C LEU A 494 10.58 -15.30 12.83
N ILE A 495 10.39 -16.35 13.64
CA ILE A 495 10.83 -16.28 15.02
C ILE A 495 12.33 -16.53 15.09
N GLU A 496 12.82 -17.41 14.20
CA GLU A 496 14.24 -17.65 14.06
C GLU A 496 14.95 -16.35 13.73
N ARG A 497 14.36 -15.57 12.82
CA ARG A 497 14.93 -14.29 12.42
C ARG A 497 14.69 -13.22 13.47
N ILE A 498 13.51 -13.26 14.12
CA ILE A 498 13.14 -12.25 15.11
C ILE A 498 12.80 -12.98 16.41
N PRO A 499 13.82 -13.34 17.20
CA PRO A 499 13.57 -14.08 18.43
C PRO A 499 12.67 -13.31 19.38
N GLU A 500 12.76 -11.98 19.33
CA GLU A 500 11.99 -11.10 20.21
C GLU A 500 10.57 -10.87 19.71
N LEU A 501 10.10 -11.71 18.79
CA LEU A 501 8.89 -11.44 18.04
C LEU A 501 7.79 -10.92 18.94
N ASN A 502 7.60 -11.61 20.08
CA ASN A 502 6.45 -11.32 20.92
C ASN A 502 6.51 -9.89 21.44
N LYS A 503 7.68 -9.45 21.91
CA LYS A 503 7.87 -8.10 22.41
C LYS A 503 7.70 -7.09 21.28
N VAL A 504 8.16 -7.47 20.09
CA VAL A 504 8.12 -6.57 18.94
C VAL A 504 6.67 -6.41 18.51
N ALA A 505 5.94 -7.53 18.42
CA ALA A 505 4.53 -7.46 18.08
C ALA A 505 3.76 -6.67 19.13
N ARG A 506 4.16 -6.82 20.39
CA ARG A 506 3.53 -6.10 21.50
C ARG A 506 3.70 -4.61 21.26
N ALA A 507 4.88 -4.21 20.78
CA ALA A 507 5.18 -2.81 20.51
C ALA A 507 4.41 -2.28 19.28
N ALA A 508 4.25 -3.09 18.23
CA ALA A 508 3.41 -2.70 17.10
C ALA A 508 1.97 -2.43 17.56
N ALA A 509 1.49 -3.30 18.46
CA ALA A 509 0.13 -3.24 18.97
C ALA A 509 -0.08 -1.99 19.81
N GLU A 510 0.97 -1.60 20.54
CA GLU A 510 0.89 -0.45 21.41
C GLU A 510 0.84 0.83 20.57
N VAL A 511 1.62 0.85 19.47
CA VAL A 511 1.58 1.98 18.57
C VAL A 511 0.15 2.18 18.08
N ALA A 512 -0.45 1.11 17.53
CA ALA A 512 -1.76 1.21 16.92
C ALA A 512 -2.85 1.44 17.97
N GLY A 513 -2.73 0.80 19.13
CA GLY A 513 -3.68 1.03 20.21
C GLY A 513 -3.68 2.49 20.68
N GLN A 514 -2.49 3.09 20.80
CA GLN A 514 -2.44 4.49 21.20
C GLN A 514 -3.11 5.39 20.17
N PHE A 515 -2.86 5.09 18.89
CA PHE A 515 -3.53 5.78 17.80
C PHE A 515 -5.05 5.67 18.01
N VAL A 516 -5.54 4.45 18.23
CA VAL A 516 -6.97 4.28 18.39
C VAL A 516 -7.48 5.15 19.54
N ILE A 517 -6.79 5.13 20.67
CA ILE A 517 -7.30 5.81 21.85
C ILE A 517 -7.27 7.32 21.62
N LYS A 518 -6.16 7.83 21.09
CA LYS A 518 -6.05 9.26 20.91
C LYS A 518 -7.08 9.72 19.89
N LEU A 519 -7.45 8.81 18.98
CA LEU A 519 -8.32 9.16 17.88
C LEU A 519 -9.77 9.09 18.31
N THR A 520 -10.11 8.25 19.28
CA THR A 520 -11.51 8.01 19.63
C THR A 520 -11.91 8.57 20.99
N HIS A 521 -10.94 8.78 21.92
CA HIS A 521 -11.29 9.00 23.34
C HIS A 521 -11.52 10.45 23.66
N ASP A 522 -10.83 11.37 22.99
CA ASP A 522 -10.76 12.74 23.41
C ASP A 522 -11.90 13.54 22.78
N VAL A 523 -11.92 14.86 22.97
CA VAL A 523 -12.89 15.69 22.29
C VAL A 523 -12.17 16.45 21.16
N GLU A 524 -10.85 16.37 21.10
CA GLU A 524 -10.12 16.71 19.88
C GLU A 524 -9.73 15.41 19.17
N LEU A 525 -9.43 15.53 17.87
CA LEU A 525 -9.28 14.38 16.99
C LEU A 525 -7.85 13.88 16.93
N ASN A 526 -6.89 14.77 17.13
CA ASN A 526 -5.48 14.49 16.96
C ASN A 526 -5.15 14.43 15.46
N LEU A 527 -5.95 15.14 14.64
CA LEU A 527 -5.63 15.35 13.24
C LEU A 527 -5.03 16.75 13.01
N ASP A 528 -3.75 16.81 12.68
CA ASP A 528 -3.06 18.09 12.57
C ASP A 528 -3.10 18.69 11.15
N TYR A 529 -4.14 19.51 10.87
CA TYR A 529 -4.31 20.23 9.63
C TYR A 529 -3.12 21.16 9.34
N GLU A 530 -2.39 21.60 10.36
CA GLU A 530 -1.31 22.56 10.13
C GLU A 530 -0.18 21.89 9.37
N ARG A 531 -0.14 20.57 9.42
CA ARG A 531 0.92 19.83 8.73
C ARG A 531 0.92 20.06 7.24
N TYR A 532 -0.19 20.51 6.69
CA TYR A 532 -0.26 20.69 5.24
C TYR A 532 0.48 21.95 4.81
N ASN A 533 0.85 22.83 5.75
CA ASN A 533 1.51 24.07 5.38
C ASN A 533 2.90 23.76 4.81
N SER A 534 3.62 22.80 5.41
CA SER A 534 4.96 22.51 4.92
C SER A 534 4.92 21.71 3.62
N GLN A 535 3.84 20.93 3.42
CA GLN A 535 3.64 20.24 2.15
C GLN A 535 3.44 21.27 1.06
N LEU A 536 2.69 22.33 1.39
CA LEU A 536 2.45 23.37 0.41
C LEU A 536 3.73 24.16 0.13
N LEU A 537 4.51 24.49 1.18
CA LEU A 537 5.81 25.12 0.99
C LEU A 537 6.67 24.30 0.03
N SER A 538 6.83 22.99 0.30
CA SER A 538 7.67 22.13 -0.53
C SER A 538 7.26 22.23 -1.98
N PHE A 539 5.95 22.24 -2.20
CA PHE A 539 5.44 22.22 -3.55
C PHE A 539 5.81 23.52 -4.25
N VAL A 540 5.48 24.66 -3.62
CA VAL A 540 5.79 25.97 -4.18
C VAL A 540 7.30 26.16 -4.40
N ARG A 541 8.11 25.57 -3.52
CA ARG A 541 9.55 25.72 -3.60
C ARG A 541 10.03 25.00 -4.85
N ASP A 542 9.48 23.80 -5.10
CA ASP A 542 9.92 23.00 -6.23
C ASP A 542 9.53 23.71 -7.52
N LEU A 543 8.36 24.33 -7.49
CA LEU A 543 7.78 24.90 -8.69
C LEU A 543 8.54 26.17 -9.03
N ASN A 544 9.03 26.86 -7.98
CA ASN A 544 9.78 28.10 -8.09
C ASN A 544 11.06 27.89 -8.92
N GLN A 545 11.57 26.66 -8.95
CA GLN A 545 12.71 26.35 -9.78
C GLN A 545 12.43 26.58 -11.26
N TYR A 546 11.15 26.63 -11.67
CA TYR A 546 10.83 26.66 -13.08
C TYR A 546 10.21 27.98 -13.46
N ARG A 547 10.46 29.01 -12.64
CA ARG A 547 9.93 30.35 -12.84
C ARG A 547 10.24 30.94 -14.22
N ALA A 548 11.38 30.57 -14.82
CA ALA A 548 11.70 31.08 -16.15
C ALA A 548 10.67 30.54 -17.16
N ASP A 549 10.44 29.23 -17.10
CA ASP A 549 9.47 28.56 -17.95
C ASP A 549 8.08 29.18 -17.79
N ILE A 550 7.71 29.50 -16.55
CA ILE A 550 6.44 30.15 -16.28
C ILE A 550 6.41 31.51 -16.95
N LYS A 551 7.54 32.23 -16.83
CA LYS A 551 7.59 33.59 -17.36
C LYS A 551 7.51 33.54 -18.88
N GLU A 552 8.26 32.62 -19.50
CA GLU A 552 8.22 32.47 -20.94
C GLU A 552 6.81 32.19 -21.45
N MET A 553 5.96 31.59 -20.61
CA MET A 553 4.62 31.21 -21.03
C MET A 553 3.61 32.32 -20.74
N GLY A 554 4.07 33.44 -20.18
CA GLY A 554 3.20 34.55 -19.84
C GLY A 554 2.32 34.21 -18.64
N LEU A 555 2.78 33.27 -17.82
CA LEU A 555 2.02 32.82 -16.67
C LEU A 555 2.63 33.45 -15.44
N SER A 556 1.97 33.21 -14.30
CA SER A 556 2.34 33.81 -13.03
C SER A 556 2.13 32.80 -11.91
N LEU A 557 2.88 32.99 -10.83
CA LEU A 557 2.80 32.17 -9.63
C LEU A 557 2.10 32.94 -8.51
N GLN A 558 1.62 34.16 -8.79
CA GLN A 558 1.06 34.98 -7.71
C GLN A 558 -0.08 34.24 -7.00
N TRP A 559 -0.92 33.52 -7.75
CA TRP A 559 -2.19 33.06 -7.19
C TRP A 559 -1.99 31.79 -6.38
N LEU A 560 -1.05 30.98 -6.85
CA LEU A 560 -0.61 29.85 -6.08
C LEU A 560 0.05 30.31 -4.78
N TYR A 561 0.91 31.31 -4.88
CA TYR A 561 1.53 31.89 -3.68
C TYR A 561 0.44 32.37 -2.75
N SER A 562 -0.49 33.12 -3.32
CA SER A 562 -1.57 33.69 -2.54
C SER A 562 -2.48 32.59 -1.92
N ALA A 563 -2.65 31.48 -2.62
CA ALA A 563 -3.54 30.44 -2.14
C ALA A 563 -2.86 29.71 -0.99
N ARG A 564 -1.55 29.53 -1.08
CA ARG A 564 -0.80 28.94 0.02
C ARG A 564 -0.87 29.81 1.28
N GLY A 565 -0.83 31.13 1.09
CA GLY A 565 -1.01 32.03 2.22
C GLY A 565 -2.42 31.94 2.82
N ASP A 566 -3.44 31.89 1.96
CA ASP A 566 -4.79 31.69 2.44
C ASP A 566 -4.90 30.39 3.26
N PHE A 567 -4.22 29.33 2.83
CA PHE A 567 -4.35 28.06 3.53
C PHE A 567 -3.73 28.21 4.91
N PHE A 568 -2.51 28.76 4.92
CA PHE A 568 -1.81 29.09 6.15
C PHE A 568 -2.71 29.88 7.10
N ARG A 569 -3.29 30.99 6.64
CA ARG A 569 -4.08 31.82 7.53
C ARG A 569 -5.30 31.05 8.05
N ALA A 570 -5.92 30.21 7.20
CA ALA A 570 -7.11 29.47 7.60
C ALA A 570 -6.77 28.47 8.70
N THR A 571 -5.57 27.88 8.66
CA THR A 571 -5.15 26.94 9.70
C THR A 571 -4.92 27.69 11.02
N SER A 572 -4.35 28.92 10.97
CA SER A 572 -4.12 29.72 12.17
C SER A 572 -5.45 30.04 12.85
N ARG A 573 -6.41 30.57 12.11
CA ARG A 573 -7.74 30.86 12.63
C ARG A 573 -8.40 29.65 13.25
N LEU A 574 -8.30 28.50 12.59
CA LEU A 574 -8.95 27.32 13.10
C LEU A 574 -8.31 26.96 14.45
N THR A 575 -6.97 26.99 14.53
CA THR A 575 -6.26 26.65 15.76
C THR A 575 -6.62 27.65 16.87
N THR A 576 -6.86 28.90 16.48
CA THR A 576 -7.30 29.92 17.41
C THR A 576 -8.69 29.57 17.92
N ASP A 577 -9.54 29.09 17.01
CA ASP A 577 -10.89 28.76 17.41
C ASP A 577 -10.83 27.58 18.38
N PHE A 578 -9.89 26.66 18.16
CA PHE A 578 -9.78 25.52 19.06
C PHE A 578 -9.38 26.05 20.44
N GLY A 579 -8.32 26.87 20.51
CA GLY A 579 -7.84 27.50 21.72
C GLY A 579 -8.91 28.26 22.50
N ASN A 580 -9.87 28.90 21.84
CA ASN A 580 -10.88 29.66 22.55
C ASN A 580 -12.14 28.84 22.81
N ALA A 581 -12.19 27.58 22.39
CA ALA A 581 -13.46 26.88 22.43
C ALA A 581 -13.72 26.43 23.86
N GLU A 582 -14.98 26.47 24.26
CA GLU A 582 -15.44 25.71 25.41
C GLU A 582 -15.42 24.21 25.05
N LYS A 583 -14.32 23.52 25.37
CA LYS A 583 -14.19 22.09 25.17
C LYS A 583 -15.42 21.29 25.60
N THR A 584 -15.97 21.64 26.76
CA THR A 584 -17.24 21.17 27.29
C THR A 584 -18.36 21.32 26.27
N ASP A 585 -18.31 22.37 25.46
CA ASP A 585 -19.46 22.69 24.62
C ASP A 585 -19.38 21.82 23.37
N ARG A 586 -20.20 20.76 23.36
CA ARG A 586 -20.12 19.72 22.35
C ARG A 586 -20.51 20.23 20.96
N PHE A 587 -21.35 21.28 20.86
CA PHE A 587 -21.76 21.80 19.57
C PHE A 587 -20.61 22.55 18.92
N VAL A 588 -19.93 23.40 19.67
CA VAL A 588 -18.90 24.24 19.08
C VAL A 588 -17.70 23.35 18.74
N MET A 589 -17.47 22.31 19.56
CA MET A 589 -16.41 21.35 19.30
C MET A 589 -16.73 20.48 18.07
N LYS A 590 -18.01 20.18 17.84
CA LYS A 590 -18.40 19.40 16.67
C LYS A 590 -18.21 20.24 15.40
N LYS A 591 -18.65 21.51 15.43
CA LYS A 591 -18.44 22.41 14.32
C LYS A 591 -16.97 22.50 13.94
N LEU A 592 -16.09 22.63 14.93
CA LEU A 592 -14.67 22.83 14.63
C LEU A 592 -14.10 21.52 14.08
N ASN A 593 -14.49 20.41 14.69
CA ASN A 593 -13.94 19.10 14.35
C ASN A 593 -14.39 18.68 12.95
N ASP A 594 -15.62 19.03 12.56
CA ASP A 594 -16.16 18.71 11.25
C ASP A 594 -15.36 19.43 10.15
N ARG A 595 -14.83 20.61 10.49
CA ARG A 595 -13.96 21.31 9.56
C ARG A 595 -12.65 20.53 9.41
N VAL A 596 -12.15 19.96 10.52
CA VAL A 596 -10.95 19.14 10.47
C VAL A 596 -11.25 17.92 9.60
N MET A 597 -12.48 17.40 9.67
CA MET A 597 -12.78 16.15 8.96
C MET A 597 -13.01 16.32 7.46
N ARG A 598 -13.01 17.56 6.95
CA ARG A 598 -13.12 17.85 5.54
C ARG A 598 -11.77 18.15 4.89
N VAL A 599 -10.69 18.25 5.67
CA VAL A 599 -9.44 18.70 5.09
C VAL A 599 -8.92 17.68 4.08
N GLU A 600 -8.90 16.40 4.48
CA GLU A 600 -8.31 15.41 3.59
C GLU A 600 -9.15 15.35 2.32
N TYR A 601 -10.47 15.44 2.50
CA TYR A 601 -11.38 15.28 1.39
C TYR A 601 -11.19 16.37 0.34
N HIS A 602 -10.99 17.59 0.80
CA HIS A 602 -10.95 18.72 -0.12
C HIS A 602 -9.69 18.68 -1.00
N PHE A 603 -8.73 17.80 -0.71
CA PHE A 603 -7.57 17.61 -1.57
C PHE A 603 -7.82 16.53 -2.62
N LEU A 604 -9.01 15.92 -2.61
CA LEU A 604 -9.38 15.02 -3.68
C LEU A 604 -9.81 15.91 -4.83
N SER A 605 -9.15 15.75 -5.97
CA SER A 605 -9.51 16.56 -7.13
C SER A 605 -10.99 16.39 -7.44
N PRO A 606 -11.75 17.49 -7.47
CA PRO A 606 -13.11 17.43 -7.97
C PRO A 606 -13.29 17.50 -9.48
N TYR A 607 -12.20 17.38 -10.26
CA TYR A 607 -12.29 17.65 -11.69
C TYR A 607 -12.18 16.38 -12.54
N VAL A 608 -11.82 15.25 -11.93
CA VAL A 608 -11.59 14.05 -12.71
C VAL A 608 -12.69 13.05 -12.41
N SER A 609 -12.82 12.07 -13.31
CA SER A 609 -13.76 10.98 -13.13
C SER A 609 -13.17 10.04 -12.11
N PRO A 610 -13.85 9.85 -10.95
CA PRO A 610 -13.39 8.89 -9.96
C PRO A 610 -13.38 7.46 -10.46
N LYS A 611 -14.12 7.19 -11.54
CA LYS A 611 -14.09 5.86 -12.14
C LYS A 611 -12.80 5.67 -12.92
N GLU A 612 -12.43 6.61 -13.79
CA GLU A 612 -11.22 6.50 -14.60
C GLU A 612 -9.94 6.90 -13.87
N SER A 613 -9.97 7.87 -12.92
CA SER A 613 -8.79 8.18 -12.11
C SER A 613 -9.11 8.12 -10.62
N PRO A 614 -9.11 6.93 -10.02
CA PRO A 614 -9.56 6.78 -8.64
C PRO A 614 -8.65 7.42 -7.58
N PHE A 615 -7.35 7.47 -7.85
CA PHE A 615 -6.42 8.14 -6.94
C PHE A 615 -6.37 9.63 -7.26
N ARG A 616 -7.44 10.31 -6.84
CA ARG A 616 -7.70 11.71 -7.09
C ARG A 616 -7.02 12.68 -6.11
N HIS A 617 -6.48 12.18 -5.00
CA HIS A 617 -5.82 13.06 -4.04
C HIS A 617 -4.67 13.79 -4.75
N VAL A 618 -4.67 15.12 -4.73
CA VAL A 618 -3.74 15.85 -5.58
C VAL A 618 -2.32 15.71 -5.02
N PHE A 619 -2.19 15.33 -3.76
CA PHE A 619 -0.85 15.15 -3.22
C PHE A 619 -0.42 13.69 -3.34
N TRP A 620 -1.28 12.75 -2.91
CA TRP A 620 -0.84 11.38 -2.68
C TRP A 620 -1.35 10.46 -3.77
N GLY A 621 -2.12 10.94 -4.74
CA GLY A 621 -2.71 10.07 -5.75
C GLY A 621 -1.83 9.85 -6.99
N SER A 622 -2.49 9.51 -8.11
CA SER A 622 -1.86 9.11 -9.37
C SER A 622 -2.63 9.71 -10.52
N GLY A 623 -1.90 10.25 -11.50
CA GLY A 623 -2.47 10.76 -12.72
C GLY A 623 -2.09 12.22 -12.91
N SER A 624 -2.64 12.80 -13.97
CA SER A 624 -2.24 14.09 -14.48
C SER A 624 -2.83 15.23 -13.65
N HIS A 625 -3.67 14.89 -12.66
CA HIS A 625 -4.29 15.90 -11.80
C HIS A 625 -3.49 16.13 -10.53
N THR A 626 -2.43 15.35 -10.30
CA THR A 626 -1.68 15.48 -9.08
C THR A 626 -0.62 16.57 -9.29
N LEU A 627 -0.03 16.91 -8.15
CA LEU A 627 0.89 18.02 -8.00
C LEU A 627 2.26 17.61 -8.51
N PRO A 628 2.76 16.41 -8.10
CA PRO A 628 3.88 15.77 -8.79
C PRO A 628 3.73 15.70 -10.31
N ALA A 629 2.54 15.38 -10.82
CA ALA A 629 2.39 15.23 -12.26
C ALA A 629 2.64 16.59 -12.91
N LEU A 630 2.20 17.65 -12.25
CA LEU A 630 2.30 19.00 -12.77
C LEU A 630 3.78 19.36 -12.98
N LEU A 631 4.63 18.96 -12.03
CA LEU A 631 6.07 19.19 -12.05
C LEU A 631 6.75 18.29 -13.08
N GLU A 632 6.35 17.03 -13.13
CA GLU A 632 6.79 16.10 -14.16
C GLU A 632 6.68 16.74 -15.55
N ASN A 633 5.51 17.28 -15.85
CA ASN A 633 5.26 17.85 -17.15
C ASN A 633 6.20 19.05 -17.32
N LEU A 634 6.21 19.96 -16.35
CA LEU A 634 6.89 21.23 -16.51
C LEU A 634 8.40 20.99 -16.64
N LYS A 635 8.95 19.98 -15.95
CA LYS A 635 10.35 19.66 -16.07
C LYS A 635 10.73 19.40 -17.53
N LEU A 636 9.84 18.76 -18.29
CA LEU A 636 10.09 18.37 -19.67
C LEU A 636 10.25 19.55 -20.61
N ARG A 637 9.93 20.75 -20.16
CA ARG A 637 10.04 21.92 -21.01
C ARG A 637 11.51 22.27 -21.28
N LYS A 638 12.37 22.22 -20.25
CA LYS A 638 13.79 22.46 -20.41
C LYS A 638 14.32 21.43 -21.42
N GLN A 639 13.97 20.15 -21.21
CA GLN A 639 14.26 19.10 -22.18
C GLN A 639 13.94 19.54 -23.61
N ASN A 640 12.82 20.24 -23.82
CA ASN A 640 12.50 20.91 -25.09
C ASN A 640 12.32 19.90 -26.23
N ASN A 641 11.87 18.68 -25.94
CA ASN A 641 11.86 17.62 -26.94
C ASN A 641 10.50 17.49 -27.63
N GLY A 642 9.58 18.43 -27.35
CA GLY A 642 8.18 18.24 -27.66
C GLY A 642 7.55 17.14 -26.80
N ALA A 643 8.20 16.80 -25.69
CA ALA A 643 7.59 15.94 -24.67
C ALA A 643 6.64 16.78 -23.82
N PHE A 644 6.99 18.04 -23.55
CA PHE A 644 6.17 18.94 -22.75
C PHE A 644 4.85 19.20 -23.47
N ASN A 645 3.75 19.13 -22.71
CA ASN A 645 2.42 19.42 -23.23
C ASN A 645 1.91 20.70 -22.57
N GLU A 646 1.87 21.80 -23.33
CA GLU A 646 1.65 23.10 -22.75
C GLU A 646 0.16 23.29 -22.41
N THR A 647 -0.72 22.81 -23.29
CA THR A 647 -2.15 22.90 -23.03
C THR A 647 -2.48 22.10 -21.76
N LEU A 648 -1.84 20.94 -21.61
CA LEU A 648 -2.05 20.14 -20.42
C LEU A 648 -1.59 20.95 -19.21
N PHE A 649 -0.39 21.51 -19.30
CA PHE A 649 0.22 22.16 -18.16
C PHE A 649 -0.60 23.38 -17.76
N ARG A 650 -1.22 24.06 -18.72
CA ARG A 650 -1.99 25.23 -18.38
C ARG A 650 -3.23 24.81 -17.58
N ASN A 651 -3.89 23.71 -18.00
CA ASN A 651 -5.05 23.14 -17.32
C ASN A 651 -4.64 22.57 -15.96
N GLN A 652 -3.47 21.91 -15.86
CA GLN A 652 -3.00 21.41 -14.59
C GLN A 652 -2.79 22.55 -13.59
N LEU A 653 -2.18 23.63 -14.04
CA LEU A 653 -1.86 24.70 -13.13
C LEU A 653 -3.14 25.32 -12.62
N ALA A 654 -4.12 25.49 -13.51
CA ALA A 654 -5.38 26.12 -13.18
C ALA A 654 -6.07 25.36 -12.05
N LEU A 655 -6.17 24.04 -12.23
CA LEU A 655 -7.00 23.19 -11.40
C LEU A 655 -6.27 22.88 -10.09
N ALA A 656 -4.93 22.76 -10.13
CA ALA A 656 -4.20 22.62 -8.90
C ALA A 656 -4.34 23.90 -8.06
N THR A 657 -4.27 25.04 -8.73
CA THR A 657 -4.41 26.31 -8.06
C THR A 657 -5.78 26.35 -7.39
N TRP A 658 -6.83 26.02 -8.12
CA TRP A 658 -8.15 26.23 -7.54
C TRP A 658 -8.45 25.17 -6.49
N THR A 659 -7.94 23.96 -6.65
CA THR A 659 -8.13 22.94 -5.63
C THR A 659 -7.52 23.44 -4.33
N ILE A 660 -6.32 24.02 -4.39
CA ILE A 660 -5.71 24.52 -3.16
C ILE A 660 -6.52 25.71 -2.63
N GLN A 661 -6.91 26.62 -3.53
CA GLN A 661 -7.57 27.82 -3.06
C GLN A 661 -8.89 27.42 -2.40
N GLY A 662 -9.58 26.48 -3.05
CA GLY A 662 -10.89 26.01 -2.62
C GLY A 662 -10.84 25.33 -1.25
N ALA A 663 -9.76 24.61 -0.98
CA ALA A 663 -9.49 23.98 0.30
C ALA A 663 -9.27 25.02 1.41
N ALA A 664 -8.58 26.11 1.08
CA ALA A 664 -8.32 27.17 2.04
C ALA A 664 -9.62 27.86 2.37
N ASN A 665 -10.36 28.21 1.31
CA ASN A 665 -11.63 28.88 1.43
C ASN A 665 -12.60 28.11 2.33
N ALA A 666 -12.60 26.79 2.20
CA ALA A 666 -13.58 25.99 2.89
C ALA A 666 -13.15 25.88 4.34
N LEU A 667 -11.86 25.62 4.57
CA LEU A 667 -11.31 25.57 5.91
C LEU A 667 -11.56 26.90 6.65
N SER A 668 -11.63 28.01 5.91
CA SER A 668 -11.67 29.33 6.51
C SER A 668 -12.99 29.60 7.24
N GLY A 669 -14.06 28.86 6.98
CA GLY A 669 -15.32 29.23 7.61
C GLY A 669 -16.43 29.27 6.57
N ASP A 670 -17.38 30.18 6.73
CA ASP A 670 -18.54 30.21 5.87
C ASP A 670 -18.21 31.04 4.63
N VAL A 671 -18.95 30.78 3.55
CA VAL A 671 -18.74 31.42 2.27
C VAL A 671 -18.58 32.91 2.45
N TRP A 672 -19.54 33.58 3.09
CA TRP A 672 -19.50 35.04 3.19
C TRP A 672 -18.25 35.52 3.91
N ASP A 673 -17.56 34.65 4.65
CA ASP A 673 -16.42 35.11 5.43
C ASP A 673 -15.11 35.01 4.65
N ILE A 674 -15.11 34.56 3.40
CA ILE A 674 -13.85 34.44 2.69
C ILE A 674 -13.37 35.85 2.35
N ASP A 675 -12.04 36.08 2.35
CA ASP A 675 -11.50 37.33 1.83
C ASP A 675 -11.01 37.16 0.39
N ALA B 1 7.72 -27.23 5.34
CA ALA B 1 6.88 -27.96 4.35
C ALA B 1 5.44 -27.46 4.45
N CYS B 2 4.84 -27.11 3.31
CA CYS B 2 3.39 -26.95 3.25
C CYS B 2 2.73 -28.29 3.56
N PRO B 3 1.49 -28.30 4.08
CA PRO B 3 0.79 -29.55 4.32
C PRO B 3 0.50 -30.28 3.02
N PRO B 4 0.21 -31.60 3.09
CA PRO B 4 -0.09 -32.37 1.91
C PRO B 4 -1.35 -31.89 1.23
N ASP B 5 -2.17 -31.09 1.92
CA ASP B 5 -3.43 -30.65 1.34
C ASP B 5 -3.34 -29.19 0.87
N ALA B 6 -2.10 -28.70 0.65
CA ALA B 6 -1.82 -27.32 0.27
C ALA B 6 -2.74 -26.78 -0.83
N HIS B 7 -3.19 -27.64 -1.72
CA HIS B 7 -4.00 -27.23 -2.86
C HIS B 7 -5.31 -26.59 -2.44
N LEU B 8 -5.80 -26.94 -1.26
CA LEU B 8 -7.06 -26.40 -0.81
C LEU B 8 -6.88 -24.94 -0.45
N GLY B 9 -5.64 -24.56 -0.15
CA GLY B 9 -5.27 -23.15 0.01
C GLY B 9 -4.79 -22.49 -1.29
N CYS B 10 -5.28 -22.90 -2.47
CA CYS B 10 -4.77 -22.33 -3.70
C CYS B 10 -5.91 -22.21 -4.68
N ILE B 11 -6.13 -21.00 -5.21
CA ILE B 11 -7.08 -20.83 -6.30
C ILE B 11 -6.34 -20.98 -7.62
N SER B 12 -5.02 -20.77 -7.57
CA SER B 12 -4.15 -21.06 -8.70
C SER B 12 -3.98 -22.57 -8.82
N TRP B 13 -3.74 -23.04 -10.06
CA TRP B 13 -3.63 -24.46 -10.36
C TRP B 13 -2.41 -25.00 -9.63
N CYS B 14 -2.61 -26.12 -8.93
CA CYS B 14 -1.59 -26.59 -8.02
C CYS B 14 -0.81 -27.73 -8.69
#